data_4PGB
#
_entry.id   4PGB
#
_cell.length_a   65.553
_cell.length_b   89.257
_cell.length_c   88.458
_cell.angle_alpha   90.000
_cell.angle_beta   110.670
_cell.angle_gamma   90.000
#
_symmetry.space_group_name_H-M   'P 1 21 1'
#
loop_
_entity.id
_entity.type
_entity.pdbx_description
1 polymer 'H-2 class I histocompatibility antigen, K-B alpha chain'
2 polymer Beta-2-microglobulin
3 polymer 'Sendai virus nucleoprotein'
#
loop_
_entity_poly.entity_id
_entity_poly.type
_entity_poly.pdbx_seq_one_letter_code
_entity_poly.pdbx_strand_id
1 'polypeptide(L)'
;MGSSHHHHHHSSGLVPRGSHMLEDPMGPHSLRYFVTAVSRPGLGEPRYMEVGYVDDTEFVRFDSDAENPRYEPRARWMEQ
EGPEYWERETQKAKGNEQSFRVDLRTLLGYYNQSKGGSHTIQVISGCEVGSDGRLLRGYQQYAYDGCDYIALNEDLKTWT
AADMAALITKHKWEQAGEAERLRAYLEGTCVEWLRRYLKNGNATLLRTDSPKAHVTHHSRPEDKVTLRCWALGFYPADIT
LTWQLNGEELIQDMELVETRPAGDGTFQKWASVVVPLGKEQYYTCHVYHQGLPEPLTLRWEPPP
;
A,D
2 'polypeptide(L)'
;MIQKTPQIQVYSRHPPENGKPNILNCYVTQFHPPHIEIQMLKNGKKIPKVEMSDMSFSKDWSFYILAHTEFTPTETDTYA
CRVKHDSMAEPKTVYWDRDM
;
B,E
3 'polypeptide(L)' FAPGNWPAL C,F
#
# COMPACT_ATOMS: atom_id res chain seq x y z
N GLY A 27 5.11 0.87 -4.95
CA GLY A 27 4.34 2.01 -4.38
C GLY A 27 3.88 1.74 -2.95
N PRO A 28 3.41 2.78 -2.25
CA PRO A 28 3.21 4.14 -2.75
C PRO A 28 4.46 5.01 -2.63
N HIS A 29 4.87 5.62 -3.75
CA HIS A 29 5.99 6.55 -3.77
C HIS A 29 5.46 7.99 -3.75
N SER A 30 6.24 8.91 -3.17
CA SER A 30 5.80 10.29 -3.00
C SER A 30 6.89 11.31 -3.34
N LEU A 31 6.47 12.46 -3.86
CA LEU A 31 7.34 13.63 -4.00
C LEU A 31 6.68 14.82 -3.33
N ARG A 32 7.15 15.15 -2.13
CA ARG A 32 6.60 16.26 -1.34
C ARG A 32 7.62 17.38 -1.22
N TYR A 33 7.13 18.62 -1.20
CA TYR A 33 7.97 19.79 -0.96
C TYR A 33 7.48 20.55 0.26
N PHE A 34 8.34 20.62 1.27
CA PHE A 34 8.01 21.24 2.55
C PHE A 34 8.59 22.65 2.59
N VAL A 35 7.72 23.65 2.68
CA VAL A 35 8.12 25.05 2.65
C VAL A 35 7.84 25.76 3.98
N THR A 36 8.84 26.50 4.46
CA THR A 36 8.71 27.27 5.70
C THR A 36 9.10 28.73 5.47
N ALA A 37 8.27 29.64 5.97
CA ALA A 37 8.56 31.07 5.91
C ALA A 37 8.26 31.71 7.26
N VAL A 38 9.27 32.32 7.87
CA VAL A 38 9.16 32.88 9.21
C VAL A 38 9.61 34.34 9.25
N SER A 39 8.70 35.23 9.66
CA SER A 39 9.02 36.64 9.83
C SER A 39 9.83 36.84 11.11
N ARG A 40 10.81 37.74 11.07
CA ARG A 40 11.72 37.96 12.19
C ARG A 40 11.97 39.45 12.47
N PRO A 41 10.94 40.15 12.97
CA PRO A 41 11.08 41.59 13.25
C PRO A 41 12.25 41.92 14.19
N GLY A 42 12.98 42.98 13.87
CA GLY A 42 14.12 43.42 14.69
C GLY A 42 15.29 42.47 14.68
N LEU A 43 15.44 41.70 13.60
CA LEU A 43 16.56 40.79 13.44
C LEU A 43 17.08 40.84 12.00
N GLY A 44 16.19 40.61 11.05
CA GLY A 44 16.53 40.71 9.64
C GLY A 44 15.35 40.43 8.76
N GLU A 45 15.62 39.93 7.55
CA GLU A 45 14.57 39.57 6.62
C GLU A 45 13.98 38.22 7.05
N PRO A 46 12.79 37.88 6.55
CA PRO A 46 12.23 36.58 6.90
C PRO A 46 13.10 35.43 6.40
N ARG A 47 13.17 34.35 7.17
CA ARG A 47 13.89 33.14 6.76
C ARG A 47 12.97 32.29 5.89
N TYR A 48 13.54 31.66 4.87
CA TYR A 48 12.79 30.86 3.94
C TYR A 48 13.51 29.54 3.65
N MET A 49 12.77 28.44 3.74
CA MET A 49 13.31 27.10 3.47
C MET A 49 12.34 26.30 2.61
N GLU A 50 12.85 25.71 1.52
CA GLU A 50 12.16 24.65 0.81
C GLU A 50 12.95 23.38 1.03
N VAL A 51 12.25 22.26 1.26
CA VAL A 51 12.89 20.97 1.42
C VAL A 51 12.09 19.93 0.65
N GLY A 52 12.72 19.33 -0.36
CA GLY A 52 12.08 18.29 -1.16
C GLY A 52 12.33 16.91 -0.56
N TYR A 53 11.34 16.04 -0.65
CA TYR A 53 11.45 14.65 -0.19
C TYR A 53 11.03 13.68 -1.29
N VAL A 54 11.75 12.56 -1.39
CA VAL A 54 11.37 11.45 -2.26
C VAL A 54 11.13 10.23 -1.39
N ASP A 55 9.86 9.83 -1.26
CA ASP A 55 9.44 8.75 -0.36
C ASP A 55 9.88 9.03 1.07
N ASP A 56 9.69 10.28 1.51
CA ASP A 56 10.11 10.72 2.83
C ASP A 56 11.62 10.55 3.04
N THR A 57 12.39 11.04 2.06
CA THR A 57 13.85 11.08 2.15
C THR A 57 14.35 12.38 1.54
N GLU A 58 14.92 13.24 2.36
CA GLU A 58 15.37 14.55 1.93
C GLU A 58 16.42 14.42 0.82
N PHE A 59 16.07 14.91 -0.38
CA PHE A 59 16.96 14.83 -1.54
C PHE A 59 17.43 16.20 -2.02
N VAL A 60 16.66 17.25 -1.71
CA VAL A 60 17.06 18.63 -1.99
C VAL A 60 16.67 19.59 -0.86
N ARG A 61 17.34 20.73 -0.80
CA ARG A 61 17.08 21.73 0.23
C ARG A 61 17.55 23.12 -0.21
N PHE A 62 16.78 24.13 0.18
CA PHE A 62 17.15 25.52 -0.02
C PHE A 62 16.96 26.26 1.31
N ASP A 63 17.90 27.14 1.64
CA ASP A 63 17.85 27.91 2.89
C ASP A 63 18.42 29.31 2.69
N SER A 64 17.57 30.31 2.93
CA SER A 64 17.94 31.71 2.71
C SER A 64 19.02 32.21 3.66
N ASP A 65 19.12 31.61 4.85
CA ASP A 65 20.12 31.98 5.85
C ASP A 65 21.49 31.34 5.63
N ALA A 66 21.70 30.71 4.49
CA ALA A 66 23.01 30.16 4.13
C ALA A 66 23.90 31.27 3.55
N GLU A 67 25.21 31.02 3.50
CA GLU A 67 26.18 32.01 3.02
C GLU A 67 25.84 32.53 1.63
N ASN A 68 25.54 31.62 0.70
CA ASN A 68 25.06 31.98 -0.63
C ASN A 68 23.85 31.12 -1.01
N PRO A 69 22.62 31.66 -0.82
CA PRO A 69 21.41 30.85 -0.97
C PRO A 69 21.24 30.21 -2.34
N ARG A 70 21.28 28.88 -2.38
CA ARG A 70 21.01 28.12 -3.60
C ARG A 70 20.46 26.73 -3.28
N TYR A 71 19.82 26.11 -4.27
CA TYR A 71 19.35 24.73 -4.12
C TYR A 71 20.54 23.78 -4.14
N GLU A 72 20.62 22.91 -3.14
CA GLU A 72 21.74 21.98 -3.00
C GLU A 72 21.21 20.56 -2.85
N PRO A 73 21.99 19.57 -3.34
CA PRO A 73 21.59 18.18 -3.18
C PRO A 73 21.80 17.69 -1.76
N ARG A 74 20.87 16.87 -1.27
CA ARG A 74 20.96 16.28 0.06
C ARG A 74 21.09 14.75 -0.01
N ALA A 75 21.19 14.22 -1.22
CA ALA A 75 21.53 12.82 -1.45
C ALA A 75 22.53 12.76 -2.59
N ARG A 76 23.45 11.81 -2.54
CA ARG A 76 24.53 11.73 -3.52
C ARG A 76 24.08 11.26 -4.90
N TRP A 77 22.88 10.69 -4.99
CA TRP A 77 22.30 10.29 -6.28
C TRP A 77 21.71 11.48 -7.07
N MET A 78 21.66 12.65 -6.43
CA MET A 78 21.17 13.87 -7.09
C MET A 78 22.29 14.64 -7.80
N GLU A 79 23.54 14.20 -7.60
CA GLU A 79 24.68 14.83 -8.27
C GLU A 79 24.75 14.51 -9.77
N GLN A 80 23.90 13.59 -10.23
CA GLN A 80 23.72 13.34 -11.66
C GLN A 80 23.22 14.57 -12.42
N GLU A 81 22.22 15.25 -11.86
CA GLU A 81 21.56 16.37 -12.55
C GLU A 81 22.54 17.49 -12.92
N GLY A 82 22.33 18.07 -14.11
CA GLY A 82 23.24 19.08 -14.65
C GLY A 82 23.09 20.46 -14.03
N PRO A 83 23.91 21.43 -14.47
CA PRO A 83 23.90 22.79 -13.93
C PRO A 83 22.62 23.57 -14.21
N GLU A 84 22.03 23.34 -15.39
CA GLU A 84 20.78 24.01 -15.77
C GLU A 84 19.64 23.69 -14.80
N TYR A 85 19.66 22.48 -14.24
CA TYR A 85 18.69 22.08 -13.23
C TYR A 85 18.82 22.91 -11.97
N TRP A 86 20.06 23.02 -11.47
CA TRP A 86 20.33 23.71 -10.20
C TRP A 86 20.09 25.21 -10.28
N GLU A 87 20.47 25.81 -11.41
CA GLU A 87 20.20 27.22 -11.65
C GLU A 87 18.69 27.47 -11.67
N ARG A 88 17.97 26.64 -12.42
CA ARG A 88 16.52 26.78 -12.57
C ARG A 88 15.81 26.68 -11.22
N GLU A 89 16.19 25.69 -10.42
CA GLU A 89 15.57 25.49 -9.11
C GLU A 89 15.99 26.59 -8.12
N THR A 90 17.23 27.05 -8.23
CA THR A 90 17.73 28.12 -7.37
C THR A 90 16.99 29.44 -7.62
N GLN A 91 16.90 29.85 -8.89
CA GLN A 91 16.22 31.11 -9.24
C GLN A 91 14.74 31.05 -8.89
N LYS A 92 14.16 29.85 -8.98
CA LYS A 92 12.76 29.63 -8.63
C LYS A 92 12.52 29.85 -7.14
N ALA A 93 13.44 29.36 -6.31
CA ALA A 93 13.32 29.47 -4.85
C ALA A 93 13.37 30.92 -4.37
N LYS A 94 14.22 31.72 -5.00
CA LYS A 94 14.34 33.14 -4.67
C LYS A 94 13.06 33.90 -5.02
N GLY A 95 12.42 33.52 -6.12
CA GLY A 95 11.13 34.07 -6.50
C GLY A 95 10.04 33.66 -5.52
N ASN A 96 10.09 32.41 -5.06
CA ASN A 96 9.15 31.91 -4.08
C ASN A 96 9.30 32.62 -2.74
N GLU A 97 10.53 32.88 -2.34
CA GLU A 97 10.82 33.63 -1.11
C GLU A 97 10.11 34.98 -1.10
N GLN A 98 10.21 35.72 -2.21
CA GLN A 98 9.58 37.03 -2.31
C GLN A 98 8.06 36.94 -2.23
N SER A 99 7.48 35.90 -2.82
CA SER A 99 6.04 35.68 -2.76
C SER A 99 5.56 35.46 -1.33
N PHE A 100 6.27 34.60 -0.60
CA PHE A 100 5.95 34.33 0.80
C PHE A 100 6.29 35.50 1.72
N ARG A 101 7.22 36.35 1.27
CA ARG A 101 7.50 37.60 1.96
C ARG A 101 6.27 38.51 1.92
N VAL A 102 5.61 38.55 0.77
CA VAL A 102 4.38 39.33 0.60
C VAL A 102 3.21 38.67 1.33
N ASP A 103 3.15 37.34 1.30
CA ASP A 103 2.08 36.59 1.94
C ASP A 103 2.06 36.78 3.46
N LEU A 104 3.25 36.88 4.06
CA LEU A 104 3.38 37.16 5.49
C LEU A 104 2.77 38.51 5.86
N ARG A 105 3.05 39.54 5.05
CA ARG A 105 2.49 40.86 5.28
C ARG A 105 0.99 40.92 4.98
N THR A 106 0.52 40.07 4.06
CA THR A 106 -0.91 39.98 3.75
C THR A 106 -1.70 39.39 4.90
N LEU A 107 -1.17 38.34 5.52
CA LEU A 107 -1.83 37.68 6.64
C LEU A 107 -1.88 38.54 7.90
N LEU A 108 -0.85 39.37 8.11
CA LEU A 108 -0.91 40.38 9.17
C LEU A 108 -2.17 41.23 9.02
N GLY A 109 -2.47 41.60 7.77
CA GLY A 109 -3.67 42.37 7.46
C GLY A 109 -4.94 41.59 7.73
N TYR A 110 -4.99 40.33 7.31
CA TYR A 110 -6.18 39.49 7.49
C TYR A 110 -6.53 39.29 8.96
N TYR A 111 -5.52 39.12 9.80
CA TYR A 111 -5.72 38.94 11.25
C TYR A 111 -5.53 40.23 12.04
N ASN A 112 -5.24 41.33 11.34
CA ASN A 112 -4.97 42.62 11.98
C ASN A 112 -3.90 42.52 13.07
N GLN A 113 -2.76 41.92 12.70
CA GLN A 113 -1.68 41.65 13.64
C GLN A 113 -0.55 42.67 13.52
N SER A 114 0.21 42.81 14.61
CA SER A 114 1.34 43.74 14.65
C SER A 114 2.49 43.30 13.74
N LYS A 115 3.18 44.27 13.17
CA LYS A 115 4.33 44.01 12.30
C LYS A 115 5.57 43.58 13.09
N GLY A 116 5.59 43.89 14.39
CA GLY A 116 6.72 43.57 15.26
C GLY A 116 6.64 42.24 15.97
N GLY A 117 5.83 41.32 15.45
CA GLY A 117 5.72 39.97 15.99
C GLY A 117 6.06 38.94 14.93
N SER A 118 6.70 37.84 15.33
CA SER A 118 7.10 36.80 14.40
C SER A 118 5.94 35.86 14.08
N HIS A 119 5.79 35.51 12.80
CA HIS A 119 4.76 34.56 12.37
C HIS A 119 5.34 33.57 11.36
N THR A 120 4.74 32.39 11.29
CA THR A 120 5.26 31.31 10.47
C THR A 120 4.20 30.81 9.49
N ILE A 121 4.52 30.89 8.19
CA ILE A 121 3.73 30.26 7.15
C ILE A 121 4.42 28.97 6.72
N GLN A 122 3.67 27.87 6.74
CA GLN A 122 4.18 26.57 6.30
C GLN A 122 3.32 26.02 5.17
N VAL A 123 3.93 25.25 4.28
CA VAL A 123 3.21 24.60 3.19
C VAL A 123 3.80 23.22 2.89
N ILE A 124 2.93 22.24 2.72
CA ILE A 124 3.31 20.95 2.15
C ILE A 124 2.57 20.81 0.83
N SER A 125 3.32 20.53 -0.24
CA SER A 125 2.76 20.41 -1.59
C SER A 125 3.45 19.26 -2.32
N GLY A 126 2.67 18.25 -2.71
CA GLY A 126 3.23 17.08 -3.37
C GLY A 126 2.24 16.18 -4.07
N CYS A 127 2.75 15.05 -4.55
CA CYS A 127 1.96 14.06 -5.28
C CYS A 127 2.45 12.66 -4.92
N GLU A 128 1.53 11.69 -4.98
CA GLU A 128 1.85 10.29 -4.69
C GLU A 128 1.43 9.40 -5.86
N VAL A 129 2.24 8.38 -6.14
CA VAL A 129 1.94 7.42 -7.19
C VAL A 129 2.12 5.99 -6.70
N GLY A 130 1.37 5.06 -7.29
CA GLY A 130 1.46 3.64 -6.96
C GLY A 130 2.57 2.95 -7.72
N SER A 131 2.61 1.63 -7.64
CA SER A 131 3.61 0.82 -8.34
C SER A 131 3.47 0.94 -9.85
N ASP A 132 2.25 1.20 -10.31
CA ASP A 132 1.97 1.38 -11.74
C ASP A 132 2.43 2.74 -12.27
N GLY A 133 2.43 3.76 -11.41
CA GLY A 133 2.80 5.12 -11.81
C GLY A 133 1.64 6.09 -11.82
N ARG A 134 0.42 5.57 -11.68
CA ARG A 134 -0.80 6.41 -11.66
C ARG A 134 -0.86 7.29 -10.41
N LEU A 135 -1.46 8.46 -10.56
CA LEU A 135 -1.59 9.42 -9.46
C LEU A 135 -2.63 8.95 -8.45
N LEU A 136 -2.18 8.59 -7.26
CA LEU A 136 -3.07 8.18 -6.17
C LEU A 136 -3.66 9.41 -5.49
N ARG A 137 -2.77 10.27 -4.99
CA ARG A 137 -3.19 11.51 -4.33
C ARG A 137 -2.25 12.66 -4.66
N GLY A 138 -2.84 13.77 -5.06
CA GLY A 138 -2.15 15.05 -5.17
C GLY A 138 -2.72 15.96 -4.09
N TYR A 139 -1.86 16.78 -3.48
CA TYR A 139 -2.28 17.61 -2.36
C TYR A 139 -1.40 18.85 -2.21
N GLN A 140 -2.00 19.91 -1.66
CA GLN A 140 -1.28 21.10 -1.24
C GLN A 140 -2.07 21.78 -0.13
N GLN A 141 -1.42 22.03 1.00
CA GLN A 141 -2.09 22.61 2.16
C GLN A 141 -1.19 23.59 2.90
N TYR A 142 -1.78 24.70 3.33
CA TYR A 142 -1.07 25.78 4.00
C TYR A 142 -1.39 25.79 5.49
N ALA A 143 -0.50 26.40 6.27
CA ALA A 143 -0.73 26.58 7.70
C ALA A 143 -0.04 27.84 8.21
N TYR A 144 -0.75 28.60 9.04
CA TYR A 144 -0.25 29.86 9.58
C TYR A 144 -0.15 29.75 11.10
N ASP A 145 1.05 30.00 11.62
CA ASP A 145 1.36 29.84 13.05
C ASP A 145 1.01 28.45 13.59
N GLY A 146 1.21 27.43 12.76
CA GLY A 146 0.97 26.04 13.16
C GLY A 146 -0.48 25.60 13.12
N CYS A 147 -1.35 26.39 12.50
CA CYS A 147 -2.76 26.04 12.35
C CYS A 147 -3.12 25.96 10.89
N ASP A 148 -3.88 24.93 10.50
CA ASP A 148 -4.35 24.79 9.13
C ASP A 148 -4.96 26.11 8.68
N TYR A 149 -4.63 26.52 7.46
CA TYR A 149 -5.16 27.76 6.87
C TYR A 149 -6.08 27.40 5.71
N ILE A 150 -5.50 26.82 4.66
CA ILE A 150 -6.26 26.39 3.50
C ILE A 150 -5.63 25.14 2.89
N ALA A 151 -6.47 24.27 2.31
CA ALA A 151 -6.00 23.02 1.71
C ALA A 151 -6.76 22.70 0.44
N LEU A 152 -6.04 22.16 -0.55
CA LEU A 152 -6.64 21.72 -1.80
C LEU A 152 -7.30 20.37 -1.57
N ASN A 153 -8.54 20.22 -2.00
CA ASN A 153 -9.28 18.98 -1.82
C ASN A 153 -8.73 17.87 -2.72
N GLU A 154 -9.11 16.63 -2.43
CA GLU A 154 -8.64 15.47 -3.21
C GLU A 154 -9.19 15.44 -4.63
N ASP A 155 -10.24 16.20 -4.91
CA ASP A 155 -10.74 16.40 -6.27
C ASP A 155 -9.80 17.26 -7.14
N LEU A 156 -8.92 18.03 -6.49
CA LEU A 156 -8.02 18.97 -7.18
C LEU A 156 -8.80 20.05 -7.93
N LYS A 157 -9.94 20.44 -7.37
CA LYS A 157 -10.83 21.43 -7.99
C LYS A 157 -11.24 22.53 -7.01
N THR A 158 -11.68 22.13 -5.80
CA THR A 158 -12.10 23.09 -4.78
C THR A 158 -11.18 23.07 -3.56
N TRP A 159 -11.34 24.08 -2.70
CA TRP A 159 -10.50 24.26 -1.52
C TRP A 159 -11.29 24.06 -0.23
N THR A 160 -10.59 24.09 0.90
CA THR A 160 -11.20 24.02 2.23
C THR A 160 -10.54 25.04 3.14
N ALA A 161 -11.25 26.13 3.43
CA ALA A 161 -10.75 27.19 4.30
C ALA A 161 -10.90 26.78 5.76
N ALA A 162 -9.86 27.02 6.56
CA ALA A 162 -9.84 26.63 7.96
C ALA A 162 -10.44 27.70 8.88
N ASP A 163 -10.45 28.96 8.43
CA ASP A 163 -11.03 30.05 9.20
C ASP A 163 -11.45 31.23 8.29
N MET A 164 -12.04 32.26 8.89
CA MET A 164 -12.57 33.41 8.13
C MET A 164 -11.51 34.14 7.30
N ALA A 165 -10.26 34.11 7.74
CA ALA A 165 -9.16 34.70 6.98
C ALA A 165 -8.90 33.92 5.70
N ALA A 166 -8.93 32.59 5.81
CA ALA A 166 -8.68 31.70 4.68
C ALA A 166 -9.80 31.71 3.65
N LEU A 167 -10.99 32.17 4.03
CA LEU A 167 -12.09 32.36 3.08
C LEU A 167 -11.82 33.48 2.09
N ILE A 168 -10.99 34.44 2.48
CA ILE A 168 -10.57 35.52 1.59
C ILE A 168 -9.68 34.95 0.48
N THR A 169 -8.74 34.08 0.88
CA THR A 169 -7.87 33.38 -0.06
C THR A 169 -8.65 32.38 -0.91
N LYS A 170 -9.65 31.74 -0.30
CA LYS A 170 -10.50 30.79 -0.99
C LYS A 170 -11.28 31.46 -2.13
N HIS A 171 -11.77 32.67 -1.87
CA HIS A 171 -12.51 33.43 -2.89
C HIS A 171 -11.61 33.87 -4.04
N LYS A 172 -10.38 34.27 -3.72
CA LYS A 172 -9.41 34.68 -4.74
C LYS A 172 -9.11 33.53 -5.70
N TRP A 173 -8.61 32.43 -5.16
CA TRP A 173 -8.11 31.32 -5.98
C TRP A 173 -9.19 30.61 -6.78
N GLU A 174 -10.44 30.67 -6.30
CA GLU A 174 -11.56 30.07 -7.02
C GLU A 174 -11.97 30.92 -8.21
N GLN A 175 -12.14 32.23 -7.98
CA GLN A 175 -12.43 33.16 -9.08
C GLN A 175 -11.22 33.37 -9.99
N ALA A 176 -10.02 33.19 -9.46
CA ALA A 176 -8.80 33.23 -10.26
C ALA A 176 -8.60 31.95 -11.08
N GLY A 177 -9.26 30.87 -10.66
CA GLY A 177 -9.13 29.57 -11.32
C GLY A 177 -7.76 28.96 -11.06
N GLU A 178 -7.27 29.13 -9.84
CA GLU A 178 -5.90 28.76 -9.49
C GLU A 178 -5.76 27.26 -9.28
N ALA A 179 -6.81 26.63 -8.75
CA ALA A 179 -6.83 25.17 -8.52
C ALA A 179 -6.53 24.39 -9.79
N GLU A 180 -7.02 24.89 -10.93
CA GLU A 180 -6.81 24.26 -12.22
C GLU A 180 -5.33 24.33 -12.65
N ARG A 181 -4.68 25.46 -12.38
CA ARG A 181 -3.26 25.62 -12.69
C ARG A 181 -2.39 24.72 -11.79
N LEU A 182 -2.82 24.56 -10.53
CA LEU A 182 -2.15 23.62 -9.61
C LEU A 182 -2.33 22.17 -10.05
N ARG A 183 -3.53 21.85 -10.56
CA ARG A 183 -3.84 20.52 -11.05
C ARG A 183 -2.87 20.07 -12.15
N ALA A 184 -2.50 21.00 -13.03
CA ALA A 184 -1.53 20.73 -14.10
C ALA A 184 -0.17 20.32 -13.55
N TYR A 185 0.31 21.05 -12.54
CA TYR A 185 1.58 20.73 -11.89
C TYR A 185 1.54 19.38 -11.20
N LEU A 186 0.52 19.19 -10.36
CA LEU A 186 0.40 17.99 -9.52
C LEU A 186 0.22 16.71 -10.33
N GLU A 187 -0.65 16.75 -11.35
CA GLU A 187 -0.92 15.59 -12.18
C GLU A 187 0.23 15.30 -13.14
N GLY A 188 0.74 16.33 -13.81
CA GLY A 188 1.77 16.18 -14.82
C GLY A 188 3.18 16.29 -14.29
N THR A 189 3.59 17.52 -13.99
CA THR A 189 4.98 17.84 -13.64
C THR A 189 5.48 17.03 -12.45
N CYS A 190 4.76 17.12 -11.33
CA CYS A 190 5.16 16.45 -10.09
C CYS A 190 5.35 14.96 -10.29
N VAL A 191 4.40 14.32 -10.98
CA VAL A 191 4.46 12.89 -11.23
C VAL A 191 5.64 12.55 -12.14
N GLU A 192 5.78 13.29 -13.23
CA GLU A 192 6.85 13.05 -14.20
C GLU A 192 8.23 13.20 -13.60
N TRP A 193 8.44 14.23 -12.77
CA TRP A 193 9.72 14.44 -12.10
C TRP A 193 9.96 13.40 -11.00
N LEU A 194 8.91 13.09 -10.22
CA LEU A 194 8.99 12.02 -9.23
C LEU A 194 9.44 10.73 -9.89
N ARG A 195 8.82 10.43 -11.03
CA ARG A 195 9.17 9.26 -11.83
C ARG A 195 10.66 9.28 -12.23
N ARG A 196 11.16 10.46 -12.57
CA ARG A 196 12.56 10.64 -12.94
C ARG A 196 13.53 10.40 -11.77
N TYR A 197 13.20 10.96 -10.60
CA TYR A 197 14.06 10.83 -9.42
C TYR A 197 14.20 9.39 -8.95
N LEU A 198 13.10 8.64 -9.00
CA LEU A 198 13.10 7.24 -8.59
C LEU A 198 14.07 6.40 -9.40
N LYS A 199 14.16 6.69 -10.70
CA LYS A 199 15.09 5.98 -11.58
C LYS A 199 16.55 6.33 -11.28
N ASN A 200 16.81 7.61 -11.00
CA ASN A 200 18.16 8.06 -10.66
C ASN A 200 18.65 7.58 -9.29
N GLY A 201 17.73 7.38 -8.36
CA GLY A 201 18.07 6.90 -7.02
C GLY A 201 17.39 5.61 -6.63
N ASN A 202 17.23 4.69 -7.59
CA ASN A 202 16.54 3.42 -7.34
C ASN A 202 17.22 2.56 -6.27
N ALA A 203 18.53 2.40 -6.40
CA ALA A 203 19.31 1.56 -5.48
C ALA A 203 19.37 2.18 -4.08
N THR A 204 19.51 3.50 -4.03
CA THR A 204 19.59 4.22 -2.76
C THR A 204 18.25 4.23 -2.03
N LEU A 205 17.15 4.39 -2.77
CA LEU A 205 15.80 4.43 -2.18
C LEU A 205 15.22 3.03 -1.93
N LEU A 206 15.88 2.00 -2.47
CA LEU A 206 15.51 0.60 -2.16
C LEU A 206 15.84 0.27 -0.69
N ARG A 207 16.87 0.92 -0.16
CA ARG A 207 17.14 1.12 1.27
C ARG A 207 16.52 0.20 2.35
N THR A 208 17.32 -0.70 2.94
CA THR A 208 16.88 -1.37 4.20
C THR A 208 18.01 -1.88 5.12
N ASP A 209 18.06 -1.34 6.34
CA ASP A 209 18.93 -1.86 7.39
C ASP A 209 18.09 -2.54 8.46
N SER A 210 18.33 -3.83 8.68
CA SER A 210 17.62 -4.59 9.71
C SER A 210 18.04 -4.11 11.09
N PRO A 211 17.10 -4.10 12.06
CA PRO A 211 17.50 -3.69 13.40
C PRO A 211 18.31 -4.74 14.16
N LYS A 212 19.29 -4.30 14.93
CA LYS A 212 19.91 -5.13 15.94
C LYS A 212 19.08 -4.94 17.19
N ALA A 213 18.56 -6.02 17.74
CA ALA A 213 17.62 -5.95 18.87
C ALA A 213 18.12 -6.76 20.06
N HIS A 214 17.85 -6.26 21.25
CA HIS A 214 18.15 -6.98 22.47
C HIS A 214 17.23 -6.54 23.61
N VAL A 215 17.24 -7.29 24.70
CA VAL A 215 16.41 -7.00 25.86
C VAL A 215 17.30 -6.81 27.09
N THR A 216 17.20 -5.63 27.70
CA THR A 216 17.94 -5.33 28.93
C THR A 216 17.02 -5.47 30.14
N HIS A 217 17.62 -5.75 31.29
CA HIS A 217 16.90 -5.96 32.55
C HIS A 217 17.30 -4.86 33.53
N HIS A 218 16.31 -4.13 34.04
CA HIS A 218 16.56 -3.03 34.97
C HIS A 218 15.76 -3.24 36.25
N SER A 219 16.42 -3.84 37.24
CA SER A 219 15.78 -4.18 38.50
C SER A 219 15.63 -2.96 39.41
N ARG A 220 15.12 -3.19 40.61
CA ARG A 220 14.85 -2.14 41.58
C ARG A 220 14.61 -2.80 42.94
N PRO A 221 14.99 -2.13 44.04
CA PRO A 221 14.59 -2.65 45.35
C PRO A 221 13.06 -2.68 45.50
N GLU A 222 12.43 -3.67 44.86
CA GLU A 222 10.97 -3.79 44.79
C GLU A 222 10.61 -5.14 44.16
N ASP A 223 9.35 -5.55 44.35
CA ASP A 223 8.85 -6.83 43.80
C ASP A 223 8.68 -6.87 42.28
N LYS A 224 9.03 -5.77 41.60
CA LYS A 224 8.93 -5.69 40.15
C LYS A 224 10.28 -5.44 39.49
N VAL A 225 10.34 -5.69 38.18
CA VAL A 225 11.52 -5.38 37.37
C VAL A 225 11.07 -4.81 36.03
N THR A 226 11.95 -4.05 35.39
CA THR A 226 11.65 -3.45 34.09
C THR A 226 12.41 -4.18 32.99
N LEU A 227 11.65 -4.71 32.03
CA LEU A 227 12.21 -5.30 30.82
C LEU A 227 12.11 -4.30 29.68
N ARG A 228 13.23 -4.06 29.00
CA ARG A 228 13.31 -3.05 27.97
C ARG A 228 13.83 -3.65 26.67
N CYS A 229 13.02 -3.58 25.62
CA CYS A 229 13.36 -4.15 24.33
C CYS A 229 13.91 -3.07 23.41
N TRP A 230 15.08 -3.31 22.85
CA TRP A 230 15.76 -2.33 22.01
C TRP A 230 15.74 -2.71 20.53
N ALA A 231 15.84 -1.70 19.68
CA ALA A 231 16.01 -1.88 18.24
C ALA A 231 16.94 -0.79 17.75
N LEU A 232 18.11 -1.18 17.25
CA LEU A 232 19.15 -0.22 16.91
C LEU A 232 19.64 -0.42 15.48
N GLY A 233 20.12 0.67 14.88
CA GLY A 233 20.79 0.62 13.59
C GLY A 233 19.91 0.22 12.43
N PHE A 234 18.66 0.68 12.43
CA PHE A 234 17.70 0.30 11.39
C PHE A 234 17.26 1.47 10.52
N TYR A 235 16.90 1.16 9.28
CA TYR A 235 16.43 2.13 8.31
C TYR A 235 15.51 1.43 7.30
N PRO A 236 14.38 2.06 6.92
CA PRO A 236 13.87 3.37 7.36
C PRO A 236 13.35 3.36 8.79
N ALA A 237 12.91 4.53 9.26
CA ALA A 237 12.48 4.71 10.64
C ALA A 237 11.18 3.98 10.99
N ASP A 238 10.43 3.55 9.97
CA ASP A 238 9.20 2.78 10.21
C ASP A 238 9.53 1.48 10.94
N ILE A 239 8.92 1.30 12.11
CA ILE A 239 9.15 0.10 12.92
C ILE A 239 8.04 -0.04 13.97
N THR A 240 7.84 -1.27 14.45
CA THR A 240 6.90 -1.53 15.52
C THR A 240 7.49 -2.51 16.52
N LEU A 241 7.52 -2.10 17.79
CA LEU A 241 7.94 -2.98 18.88
C LEU A 241 6.73 -3.28 19.73
N THR A 242 6.58 -4.54 20.14
CA THR A 242 5.51 -4.93 21.04
C THR A 242 6.01 -5.93 22.08
N TRP A 243 5.44 -5.83 23.28
CA TRP A 243 5.61 -6.83 24.32
C TRP A 243 4.34 -7.66 24.40
N GLN A 244 4.49 -8.97 24.53
CA GLN A 244 3.36 -9.90 24.60
C GLN A 244 3.43 -10.75 25.86
N LEU A 245 2.26 -11.08 26.40
CA LEU A 245 2.14 -12.01 27.51
C LEU A 245 1.37 -13.24 27.05
N ASN A 246 2.11 -14.28 26.67
CA ASN A 246 1.54 -15.58 26.30
C ASN A 246 0.50 -15.49 25.19
N GLY A 247 0.73 -14.62 24.22
CA GLY A 247 -0.19 -14.45 23.09
C GLY A 247 -0.63 -13.01 22.88
N GLU A 248 -1.29 -12.44 23.89
CA GLU A 248 -1.86 -11.10 23.76
C GLU A 248 -0.82 -9.99 23.92
N GLU A 249 -1.00 -8.90 23.17
CA GLU A 249 -0.12 -7.75 23.21
C GLU A 249 -0.54 -6.79 24.32
N LEU A 250 0.43 -6.26 25.06
CA LEU A 250 0.16 -5.43 26.23
C LEU A 250 0.31 -3.94 25.91
N ILE A 251 -0.47 -3.48 24.94
CA ILE A 251 -0.37 -2.09 24.47
C ILE A 251 -0.58 -1.07 25.59
N GLN A 252 -1.54 -1.31 26.47
CA GLN A 252 -1.89 -0.35 27.52
C GLN A 252 -0.78 -0.20 28.54
N ASP A 253 -0.31 -1.32 29.10
CA ASP A 253 0.73 -1.29 30.14
C ASP A 253 2.13 -1.09 29.59
N MET A 254 2.28 -1.15 28.26
CA MET A 254 3.57 -0.94 27.62
C MET A 254 3.96 0.54 27.70
N GLU A 255 5.26 0.80 27.61
CA GLU A 255 5.78 2.16 27.49
C GLU A 255 6.84 2.18 26.41
N LEU A 256 6.73 3.13 25.48
CA LEU A 256 7.71 3.25 24.40
C LEU A 256 8.01 4.70 24.02
N VAL A 257 9.19 4.90 23.45
CA VAL A 257 9.62 6.21 22.99
C VAL A 257 9.41 6.32 21.49
N GLU A 258 9.27 7.55 21.00
CA GLU A 258 9.16 7.81 19.57
C GLU A 258 10.49 7.49 18.88
N THR A 259 10.41 6.98 17.66
CA THR A 259 11.60 6.64 16.89
C THR A 259 12.50 7.85 16.77
N ARG A 260 13.81 7.63 16.87
CA ARG A 260 14.76 8.73 17.01
C ARG A 260 16.05 8.46 16.22
N PRO A 261 16.65 9.53 15.68
CA PRO A 261 17.88 9.39 14.88
C PRO A 261 19.10 9.10 15.74
N ALA A 262 19.90 8.13 15.33
CA ALA A 262 21.18 7.86 15.97
C ALA A 262 22.21 8.93 15.58
N GLY A 263 21.99 9.57 14.45
CA GLY A 263 22.86 10.62 13.94
C GLY A 263 23.84 10.13 12.87
N ASP A 264 23.56 8.96 12.31
CA ASP A 264 24.43 8.35 11.30
C ASP A 264 23.63 7.67 10.17
N GLY A 265 22.39 8.13 9.94
CA GLY A 265 21.53 7.57 8.91
C GLY A 265 20.53 6.53 9.41
N THR A 266 20.85 5.89 10.54
CA THR A 266 19.97 4.88 11.13
C THR A 266 19.12 5.47 12.26
N PHE A 267 18.19 4.66 12.78
CA PHE A 267 17.30 5.08 13.85
C PHE A 267 17.31 4.11 15.04
N GLN A 268 16.75 4.58 16.15
CA GLN A 268 16.66 3.81 17.37
C GLN A 268 15.23 3.83 17.89
N LYS A 269 14.87 2.80 18.67
CA LYS A 269 13.60 2.77 19.37
C LYS A 269 13.63 1.72 20.45
N TRP A 270 12.92 1.96 21.54
CA TRP A 270 12.70 0.94 22.57
C TRP A 270 11.29 0.97 23.13
N ALA A 271 10.81 -0.21 23.52
CA ALA A 271 9.57 -0.35 24.27
C ALA A 271 9.89 -1.10 25.55
N SER A 272 9.11 -0.86 26.59
CA SER A 272 9.37 -1.47 27.89
C SER A 272 8.10 -1.89 28.61
N VAL A 273 8.26 -2.82 29.54
CA VAL A 273 7.17 -3.31 30.38
C VAL A 273 7.68 -3.57 31.81
N VAL A 274 6.84 -3.28 32.79
CA VAL A 274 7.15 -3.61 34.19
C VAL A 274 6.47 -4.92 34.52
N VAL A 275 7.25 -5.89 34.99
CA VAL A 275 6.74 -7.23 35.25
C VAL A 275 7.07 -7.67 36.67
N PRO A 276 6.34 -8.67 37.20
CA PRO A 276 6.69 -9.22 38.52
C PRO A 276 8.08 -9.84 38.55
N LEU A 277 8.74 -9.76 39.70
CA LEU A 277 10.06 -10.34 39.89
C LEU A 277 9.99 -11.85 39.74
N GLY A 278 10.85 -12.41 38.88
CA GLY A 278 10.89 -13.86 38.64
C GLY A 278 9.94 -14.35 37.56
N LYS A 279 9.26 -13.43 36.88
CA LYS A 279 8.33 -13.76 35.80
C LYS A 279 8.78 -13.16 34.47
N GLU A 280 10.09 -13.01 34.28
CA GLU A 280 10.63 -12.36 33.07
C GLU A 280 10.50 -13.26 31.84
N GLN A 281 10.57 -14.57 32.03
CA GLN A 281 10.51 -15.52 30.93
C GLN A 281 9.09 -15.74 30.41
N TYR A 282 8.10 -15.18 31.10
CA TYR A 282 6.70 -15.23 30.68
C TYR A 282 6.41 -14.22 29.57
N TYR A 283 7.28 -13.21 29.43
CA TYR A 283 7.07 -12.11 28.49
C TYR A 283 7.93 -12.23 27.25
N THR A 284 7.42 -11.73 26.13
CA THR A 284 8.05 -11.88 24.82
C THR A 284 8.02 -10.55 24.06
N CYS A 285 9.19 -10.11 23.59
CA CYS A 285 9.27 -8.91 22.75
C CYS A 285 9.28 -9.29 21.28
N HIS A 286 8.62 -8.47 20.46
CA HIS A 286 8.55 -8.70 19.02
C HIS A 286 8.94 -7.43 18.26
N VAL A 287 9.80 -7.61 17.25
CA VAL A 287 10.27 -6.50 16.42
C VAL A 287 9.81 -6.71 14.97
N TYR A 288 9.00 -5.77 14.48
CA TYR A 288 8.48 -5.83 13.12
C TYR A 288 9.14 -4.76 12.26
N HIS A 289 9.75 -5.17 11.15
CA HIS A 289 10.50 -4.25 10.30
C HIS A 289 10.67 -4.81 8.88
N GLN A 290 10.66 -3.91 7.90
CA GLN A 290 10.75 -4.26 6.48
C GLN A 290 11.95 -5.17 6.17
N GLY A 291 13.14 -4.71 6.56
CA GLY A 291 14.39 -5.42 6.30
C GLY A 291 14.51 -6.82 6.89
N LEU A 292 13.66 -7.15 7.87
CA LEU A 292 13.65 -8.48 8.46
C LEU A 292 12.98 -9.48 7.50
N PRO A 293 13.57 -10.68 7.36
CA PRO A 293 12.86 -11.76 6.66
C PRO A 293 11.58 -12.15 7.39
N GLU A 294 11.65 -12.16 8.72
CA GLU A 294 10.52 -12.48 9.58
C GLU A 294 10.68 -11.71 10.89
N PRO A 295 9.56 -11.37 11.55
CA PRO A 295 9.65 -10.62 12.80
C PRO A 295 10.51 -11.34 13.85
N LEU A 296 11.35 -10.56 14.55
CA LEU A 296 12.20 -11.11 15.60
C LEU A 296 11.36 -11.37 16.84
N THR A 297 11.72 -12.42 17.57
CA THR A 297 11.05 -12.77 18.82
C THR A 297 12.11 -12.81 19.93
N LEU A 298 12.03 -11.86 20.84
CA LEU A 298 13.03 -11.69 21.89
C LEU A 298 12.48 -12.00 23.29
N ARG A 299 13.36 -12.47 24.15
CA ARG A 299 13.03 -12.84 25.52
C ARG A 299 14.22 -12.50 26.40
N TRP A 300 13.97 -12.17 27.67
CA TRP A 300 15.07 -11.88 28.59
C TRP A 300 15.91 -13.13 28.85
N GLU A 301 17.22 -13.00 28.64
CA GLU A 301 18.17 -14.07 28.90
C GLU A 301 19.41 -13.49 29.57
N PRO A 302 19.78 -14.00 30.76
CA PRO A 302 21.03 -13.57 31.37
C PRO A 302 22.24 -14.36 30.83
N PRO A 303 23.48 -13.95 31.20
CA PRO A 303 24.66 -14.76 30.91
C PRO A 303 24.58 -16.19 31.51
N PRO A 304 24.40 -16.34 32.86
CA PRO A 304 24.33 -15.37 33.97
C PRO A 304 25.67 -14.94 34.55
N ILE B 2 -1.52 29.25 18.73
CA ILE B 2 -1.59 27.86 19.28
C ILE B 2 -0.23 27.16 19.19
N GLN B 3 0.52 27.24 20.29
CA GLN B 3 1.88 26.70 20.38
C GLN B 3 1.87 25.24 20.83
N LYS B 4 3.03 24.59 20.70
CA LYS B 4 3.18 23.19 21.10
C LYS B 4 4.50 22.99 21.88
N THR B 5 4.41 22.30 23.01
CA THR B 5 5.57 22.09 23.89
C THR B 5 6.53 21.01 23.36
N PRO B 6 7.84 21.29 23.38
CA PRO B 6 8.81 20.34 22.80
C PRO B 6 9.00 19.05 23.59
N GLN B 7 8.93 17.92 22.88
CA GLN B 7 9.28 16.61 23.43
C GLN B 7 10.78 16.40 23.25
N ILE B 8 11.47 16.05 24.31
CA ILE B 8 12.93 15.95 24.31
C ILE B 8 13.38 14.54 24.69
N GLN B 9 14.35 14.01 23.95
CA GLN B 9 14.97 12.73 24.26
C GLN B 9 16.49 12.90 24.30
N VAL B 10 17.10 12.59 25.44
CA VAL B 10 18.56 12.59 25.55
C VAL B 10 19.06 11.15 25.55
N TYR B 11 20.04 10.87 24.70
CA TYR B 11 20.52 9.50 24.49
C TYR B 11 21.83 9.51 23.71
N SER B 12 22.56 8.40 23.77
CA SER B 12 23.81 8.25 23.05
C SER B 12 23.59 7.51 21.73
N ARG B 13 24.54 7.66 20.80
CA ARG B 13 24.47 6.97 19.51
C ARG B 13 24.71 5.47 19.69
N HIS B 14 25.85 5.14 20.29
CA HIS B 14 26.24 3.75 20.51
C HIS B 14 25.98 3.37 21.97
N PRO B 15 25.93 2.06 22.26
CA PRO B 15 25.73 1.61 23.64
C PRO B 15 26.77 2.21 24.59
N PRO B 16 26.32 2.91 25.66
CA PRO B 16 27.26 3.62 26.53
C PRO B 16 28.23 2.69 27.26
N GLU B 17 29.45 3.17 27.48
CA GLU B 17 30.51 2.38 28.11
C GLU B 17 31.57 3.34 28.64
N ASN B 18 31.85 3.26 29.94
CA ASN B 18 32.69 4.25 30.61
C ASN B 18 34.11 4.32 30.04
N GLY B 19 34.58 5.55 29.81
CA GLY B 19 35.94 5.78 29.33
C GLY B 19 36.16 5.42 27.86
N LYS B 20 35.12 5.59 27.05
CA LYS B 20 35.18 5.28 25.62
C LYS B 20 34.38 6.34 24.86
N PRO B 21 34.99 6.98 23.85
CA PRO B 21 34.35 8.12 23.17
C PRO B 21 33.01 7.76 22.52
N ASN B 22 32.09 8.72 22.51
CA ASN B 22 30.73 8.48 22.04
C ASN B 22 30.05 9.80 21.67
N ILE B 23 28.88 9.72 21.02
CA ILE B 23 28.09 10.90 20.67
C ILE B 23 26.87 10.96 21.57
N LEU B 24 26.59 12.15 22.11
CA LEU B 24 25.39 12.38 22.92
C LEU B 24 24.38 13.19 22.12
N ASN B 25 23.18 12.64 21.95
CA ASN B 25 22.13 13.29 21.18
C ASN B 25 21.11 14.02 22.06
N CYS B 26 20.54 15.09 21.52
CA CYS B 26 19.36 15.72 22.12
C CYS B 26 18.31 15.97 21.04
N TYR B 27 17.38 15.01 20.91
CA TYR B 27 16.37 15.02 19.86
C TYR B 27 15.11 15.74 20.34
N VAL B 28 14.92 16.97 19.85
CA VAL B 28 13.77 17.80 20.23
C VAL B 28 12.73 17.79 19.11
N THR B 29 11.48 17.47 19.45
CA THR B 29 10.40 17.36 18.47
C THR B 29 9.10 17.99 18.98
N GLN B 30 8.07 17.96 18.14
CA GLN B 30 6.71 18.38 18.52
C GLN B 30 6.63 19.81 19.06
N PHE B 31 7.42 20.73 18.50
CA PHE B 31 7.41 22.11 18.95
C PHE B 31 7.06 23.12 17.85
N HIS B 32 6.44 24.22 18.27
CA HIS B 32 6.01 25.29 17.37
C HIS B 32 5.67 26.51 18.22
N PRO B 33 6.21 27.71 17.90
CA PRO B 33 7.03 28.14 16.75
C PRO B 33 8.41 27.47 16.64
N PRO B 34 9.08 27.64 15.49
CA PRO B 34 10.37 26.97 15.26
C PRO B 34 11.56 27.54 16.03
N HIS B 35 11.44 28.76 16.56
CA HIS B 35 12.55 29.37 17.31
C HIS B 35 12.73 28.69 18.66
N ILE B 36 13.95 28.25 18.93
CA ILE B 36 14.24 27.42 20.09
C ILE B 36 15.73 27.50 20.44
N GLU B 37 16.05 27.41 21.72
CA GLU B 37 17.45 27.28 22.15
C GLU B 37 17.64 25.93 22.81
N ILE B 38 18.67 25.21 22.37
CA ILE B 38 18.99 23.90 22.90
C ILE B 38 20.39 23.92 23.50
N GLN B 39 20.48 23.80 24.81
CA GLN B 39 21.77 23.75 25.52
C GLN B 39 22.00 22.36 26.06
N MET B 40 23.24 21.89 25.96
CA MET B 40 23.65 20.62 26.51
C MET B 40 24.55 20.87 27.71
N LEU B 41 24.33 20.11 28.79
CA LEU B 41 24.99 20.36 30.07
C LEU B 41 25.87 19.18 30.50
N LYS B 42 26.84 19.47 31.36
CA LYS B 42 27.69 18.45 31.95
C LYS B 42 28.01 18.86 33.38
N ASN B 43 27.37 18.18 34.34
CA ASN B 43 27.49 18.50 35.77
C ASN B 43 27.13 19.95 36.08
N GLY B 44 26.16 20.49 35.33
CA GLY B 44 25.73 21.88 35.49
C GLY B 44 26.31 22.80 34.42
N LYS B 45 27.59 22.62 34.11
CA LYS B 45 28.29 23.48 33.15
C LYS B 45 27.79 23.24 31.73
N LYS B 46 27.69 24.32 30.95
CA LYS B 46 27.24 24.24 29.57
C LYS B 46 28.35 23.71 28.67
N ILE B 47 27.98 22.83 27.72
CA ILE B 47 28.93 22.27 26.77
C ILE B 47 29.09 23.25 25.61
N PRO B 48 30.34 23.69 25.33
CA PRO B 48 30.54 24.73 24.32
C PRO B 48 30.40 24.22 22.88
N LYS B 49 31.00 23.07 22.57
CA LYS B 49 30.98 22.52 21.23
C LYS B 49 29.76 21.63 21.04
N VAL B 50 28.68 22.20 20.49
CA VAL B 50 27.42 21.48 20.28
C VAL B 50 26.90 21.71 18.86
N GLU B 51 26.80 20.63 18.09
CA GLU B 51 26.31 20.70 16.71
C GLU B 51 24.78 20.71 16.66
N MET B 52 24.24 21.18 15.54
CA MET B 52 22.79 21.18 15.32
C MET B 52 22.50 20.67 13.92
N SER B 53 21.51 19.79 13.80
CA SER B 53 21.04 19.35 12.49
C SER B 53 20.18 20.43 11.87
N ASP B 54 19.93 20.31 10.57
CA ASP B 54 18.99 21.20 9.89
C ASP B 54 17.61 20.96 10.47
N MET B 55 16.84 22.03 10.64
CA MET B 55 15.49 21.92 11.15
C MET B 55 14.55 21.43 10.05
N SER B 56 13.57 20.64 10.45
CA SER B 56 12.51 20.16 9.55
C SER B 56 11.18 20.22 10.29
N PHE B 57 10.09 20.03 9.56
CA PHE B 57 8.78 19.87 10.19
C PHE B 57 8.02 18.68 9.60
N SER B 58 7.11 18.13 10.39
CA SER B 58 6.40 16.92 10.02
C SER B 58 4.96 17.22 9.60
N LYS B 59 4.21 16.17 9.26
CA LYS B 59 2.87 16.32 8.69
C LYS B 59 1.85 16.97 9.63
N ASP B 60 2.17 17.07 10.92
CA ASP B 60 1.32 17.81 11.86
C ASP B 60 1.81 19.25 12.08
N TRP B 61 2.71 19.70 11.20
CA TRP B 61 3.26 21.07 11.22
C TRP B 61 4.38 21.33 12.24
N SER B 62 4.45 20.52 13.28
CA SER B 62 5.45 20.73 14.34
C SER B 62 6.85 20.44 13.85
N PHE B 63 7.82 21.15 14.41
CA PHE B 63 9.22 21.06 13.99
C PHE B 63 10.00 20.02 14.82
N TYR B 64 11.11 19.56 14.27
CA TYR B 64 12.01 18.69 14.99
C TYR B 64 13.46 18.91 14.57
N ILE B 65 14.38 18.74 15.52
CA ILE B 65 15.79 18.99 15.28
C ILE B 65 16.67 18.12 16.18
N LEU B 66 17.84 17.74 15.65
CA LEU B 66 18.79 16.92 16.38
C LEU B 66 20.02 17.75 16.77
N ALA B 67 20.26 17.84 18.08
CA ALA B 67 21.48 18.45 18.60
C ALA B 67 22.37 17.34 19.13
N HIS B 68 23.69 17.49 18.97
CA HIS B 68 24.63 16.47 19.44
C HIS B 68 26.03 17.02 19.70
N THR B 69 26.75 16.33 20.57
CA THR B 69 28.14 16.66 20.90
C THR B 69 28.90 15.40 21.28
N GLU B 70 30.15 15.30 20.87
CA GLU B 70 30.99 14.17 21.27
C GLU B 70 31.28 14.22 22.76
N PHE B 71 31.25 13.07 23.40
CA PHE B 71 31.50 12.96 24.83
C PHE B 71 32.05 11.59 25.20
N THR B 72 32.76 11.54 26.32
CA THR B 72 33.25 10.29 26.88
C THR B 72 32.58 10.08 28.23
N PRO B 73 31.67 9.09 28.33
CA PRO B 73 30.95 8.87 29.58
C PRO B 73 31.85 8.24 30.65
N THR B 74 31.47 8.42 31.91
CA THR B 74 32.20 7.86 33.04
C THR B 74 31.20 7.40 34.10
N GLU B 75 31.72 6.95 35.25
CA GLU B 75 30.87 6.51 36.34
C GLU B 75 29.98 7.64 36.84
N THR B 76 30.59 8.78 37.14
CA THR B 76 29.95 9.82 37.96
C THR B 76 29.59 11.12 37.22
N ASP B 77 29.86 11.21 35.93
CA ASP B 77 29.47 12.40 35.16
C ASP B 77 27.98 12.37 34.89
N THR B 78 27.33 13.53 35.02
CA THR B 78 25.91 13.68 34.76
C THR B 78 25.72 14.60 33.57
N TYR B 79 25.10 14.08 32.51
CA TYR B 79 24.82 14.87 31.31
C TYR B 79 23.33 15.16 31.19
N ALA B 80 22.99 16.34 30.70
CA ALA B 80 21.59 16.75 30.52
C ALA B 80 21.45 17.65 29.29
N CYS B 81 20.21 18.01 28.98
CA CYS B 81 19.90 18.86 27.84
C CYS B 81 18.79 19.85 28.20
N ARG B 82 19.11 21.14 28.24
CA ARG B 82 18.14 22.18 28.55
C ARG B 82 17.57 22.78 27.26
N VAL B 83 16.29 23.12 27.30
CA VAL B 83 15.60 23.68 26.14
C VAL B 83 14.71 24.86 26.53
N LYS B 84 14.89 25.99 25.86
CA LYS B 84 14.05 27.16 26.05
C LYS B 84 13.06 27.29 24.88
N HIS B 85 11.81 27.57 25.19
CA HIS B 85 10.76 27.69 24.17
C HIS B 85 9.57 28.49 24.70
N ASP B 86 8.96 29.30 23.83
CA ASP B 86 7.86 30.19 24.22
C ASP B 86 6.65 29.47 24.82
N SER B 87 6.44 28.23 24.42
CA SER B 87 5.38 27.39 24.99
C SER B 87 5.57 27.18 26.50
N MET B 88 6.82 27.12 26.94
CA MET B 88 7.15 26.87 28.34
C MET B 88 7.37 28.16 29.12
N ALA B 89 6.93 28.17 30.37
CA ALA B 89 7.13 29.31 31.27
C ALA B 89 8.58 29.42 31.70
N GLU B 90 9.21 28.27 31.94
CA GLU B 90 10.64 28.21 32.27
C GLU B 90 11.29 27.07 31.47
N PRO B 91 12.63 27.06 31.39
CA PRO B 91 13.33 26.03 30.60
C PRO B 91 13.07 24.59 31.06
N LYS B 92 13.30 23.64 30.16
CA LYS B 92 13.06 22.22 30.41
C LYS B 92 14.37 21.43 30.34
N THR B 93 14.84 20.97 31.50
CA THR B 93 16.08 20.20 31.58
C THR B 93 15.78 18.70 31.64
N VAL B 94 16.16 17.97 30.60
CA VAL B 94 16.04 16.53 30.58
C VAL B 94 17.43 15.93 30.82
N TYR B 95 17.52 15.03 31.78
CA TYR B 95 18.80 14.41 32.16
C TYR B 95 18.99 13.07 31.45
N TRP B 96 20.24 12.78 31.09
CA TRP B 96 20.56 11.57 30.36
C TRP B 96 20.53 10.35 31.26
N ASP B 97 19.71 9.37 30.88
CA ASP B 97 19.68 8.06 31.51
C ASP B 97 20.31 7.10 30.51
N ARG B 98 21.38 6.42 30.92
CA ARG B 98 22.13 5.55 30.01
C ARG B 98 21.41 4.22 29.73
N ASP B 99 20.26 4.03 30.38
CA ASP B 99 19.40 2.88 30.12
C ASP B 99 18.17 3.26 29.28
N MET B 100 18.12 4.51 28.82
CA MET B 100 17.00 5.01 28.02
C MET B 100 17.49 5.76 26.79
N PHE C 1 11.55 18.95 -8.84
CA PHE C 1 11.09 20.19 -9.52
C PHE C 1 10.07 20.89 -8.64
N ALA C 2 10.55 21.82 -7.81
CA ALA C 2 9.71 22.49 -6.83
C ALA C 2 8.65 23.36 -7.53
N PRO C 3 7.54 23.64 -6.83
CA PRO C 3 6.51 24.50 -7.44
C PRO C 3 6.98 25.95 -7.58
N GLY C 4 6.85 26.48 -8.79
CA GLY C 4 7.14 27.89 -9.04
C GLY C 4 5.85 28.69 -9.14
N ASN C 5 5.97 30.02 -9.13
CA ASN C 5 4.81 30.91 -9.22
C ASN C 5 3.72 30.55 -8.22
N TRP C 6 4.04 30.71 -6.94
CA TRP C 6 3.11 30.42 -5.85
CA TRP C 6 3.09 30.42 -5.86
C TRP C 6 2.02 31.51 -5.82
N PRO C 7 0.73 31.10 -5.78
CA PRO C 7 -0.31 32.12 -5.77
C PRO C 7 -0.38 32.87 -4.45
N ALA C 8 -0.66 34.17 -4.53
CA ALA C 8 -0.75 35.02 -3.34
C ALA C 8 -1.99 34.70 -2.55
N LEU C 9 -1.89 34.82 -1.22
CA LEU C 9 -3.02 34.52 -0.33
C LEU C 9 -4.08 35.60 -0.42
N GLY D 27 5.47 -6.02 0.67
CA GLY D 27 4.00 -6.09 0.94
C GLY D 27 3.20 -5.20 0.00
N PRO D 28 1.87 -5.37 -0.02
CA PRO D 28 1.09 -6.28 0.83
C PRO D 28 1.00 -7.71 0.28
N HIS D 29 1.37 -8.69 1.10
CA HIS D 29 1.22 -10.11 0.76
C HIS D 29 -0.04 -10.66 1.42
N SER D 30 -0.65 -11.68 0.79
CA SER D 30 -1.92 -12.23 1.26
C SER D 30 -1.95 -13.76 1.21
N LEU D 31 -2.67 -14.36 2.16
CA LEU D 31 -3.00 -15.78 2.12
C LEU D 31 -4.51 -15.92 2.27
N ARG D 32 -5.19 -16.17 1.16
CA ARG D 32 -6.65 -16.30 1.14
C ARG D 32 -7.04 -17.74 0.80
N TYR D 33 -8.14 -18.20 1.38
CA TYR D 33 -8.71 -19.51 1.05
C TYR D 33 -10.15 -19.33 0.56
N PHE D 34 -10.37 -19.72 -0.69
CA PHE D 34 -11.66 -19.57 -1.35
C PHE D 34 -12.41 -20.89 -1.31
N VAL D 35 -13.56 -20.91 -0.63
CA VAL D 35 -14.35 -22.13 -0.45
C VAL D 35 -15.70 -22.05 -1.15
N THR D 36 -16.05 -23.11 -1.87
CA THR D 36 -17.34 -23.20 -2.58
C THR D 36 -18.05 -24.49 -2.21
N ALA D 37 -19.34 -24.39 -1.91
CA ALA D 37 -20.18 -25.54 -1.62
C ALA D 37 -21.52 -25.40 -2.35
N VAL D 38 -21.82 -26.35 -3.23
CA VAL D 38 -23.00 -26.30 -4.09
C VAL D 38 -23.85 -27.56 -3.96
N SER D 39 -25.10 -27.40 -3.55
CA SER D 39 -26.05 -28.50 -3.49
C SER D 39 -26.52 -28.87 -4.89
N ARG D 40 -26.69 -30.17 -5.15
CA ARG D 40 -27.06 -30.66 -6.48
C ARG D 40 -28.15 -31.73 -6.43
N PRO D 41 -29.38 -31.35 -6.08
CA PRO D 41 -30.49 -32.31 -5.98
C PRO D 41 -30.72 -33.10 -7.27
N GLY D 42 -30.95 -34.40 -7.12
CA GLY D 42 -31.21 -35.28 -8.26
C GLY D 42 -30.00 -35.49 -9.16
N LEU D 43 -28.80 -35.38 -8.59
CA LEU D 43 -27.56 -35.61 -9.32
C LEU D 43 -26.57 -36.40 -8.46
N GLY D 44 -26.28 -35.86 -7.28
CA GLY D 44 -25.43 -36.54 -6.32
C GLY D 44 -25.27 -35.74 -5.04
N GLU D 45 -24.14 -35.93 -4.37
CA GLU D 45 -23.84 -35.19 -3.15
C GLU D 45 -23.39 -33.79 -3.55
N PRO D 46 -23.41 -32.84 -2.59
CA PRO D 46 -22.95 -31.50 -2.93
C PRO D 46 -21.47 -31.49 -3.31
N ARG D 47 -21.10 -30.63 -4.26
CA ARG D 47 -19.71 -30.45 -4.63
C ARG D 47 -19.04 -29.46 -3.69
N TYR D 48 -17.79 -29.73 -3.36
CA TYR D 48 -17.03 -28.91 -2.42
C TYR D 48 -15.63 -28.62 -2.95
N MET D 49 -15.24 -27.35 -2.92
CA MET D 49 -13.91 -26.91 -3.35
C MET D 49 -13.30 -25.92 -2.37
N GLU D 50 -12.07 -26.19 -1.95
CA GLU D 50 -11.24 -25.19 -1.30
C GLU D 50 -10.10 -24.85 -2.26
N VAL D 51 -9.77 -23.57 -2.35
CA VAL D 51 -8.64 -23.14 -3.19
C VAL D 51 -7.86 -22.08 -2.43
N GLY D 52 -6.60 -22.39 -2.14
CA GLY D 52 -5.71 -21.45 -1.44
C GLY D 52 -4.95 -20.58 -2.43
N TYR D 53 -4.74 -19.32 -2.05
CA TYR D 53 -3.97 -18.37 -2.85
C TYR D 53 -2.87 -17.72 -2.03
N VAL D 54 -1.71 -17.52 -2.65
CA VAL D 54 -0.62 -16.74 -2.04
C VAL D 54 -0.34 -15.53 -2.94
N ASP D 55 -0.71 -14.34 -2.46
CA ASP D 55 -0.63 -13.10 -3.23
C ASP D 55 -1.44 -13.22 -4.54
N ASP D 56 -2.63 -13.80 -4.43
CA ASP D 56 -3.49 -14.05 -5.59
C ASP D 56 -2.80 -14.94 -6.62
N THR D 57 -2.26 -16.07 -6.14
CA THR D 57 -1.66 -17.10 -6.99
C THR D 57 -2.03 -18.47 -6.42
N GLU D 58 -2.84 -19.22 -7.16
CA GLU D 58 -3.30 -20.53 -6.70
C GLU D 58 -2.13 -21.48 -6.43
N PHE D 59 -1.97 -21.85 -5.17
CA PHE D 59 -0.87 -22.73 -4.75
C PHE D 59 -1.37 -24.09 -4.24
N VAL D 60 -2.62 -24.16 -3.79
CA VAL D 60 -3.25 -25.42 -3.40
C VAL D 60 -4.72 -25.47 -3.82
N ARG D 61 -5.26 -26.69 -3.91
CA ARG D 61 -6.64 -26.89 -4.32
C ARG D 61 -7.16 -28.25 -3.82
N PHE D 62 -8.44 -28.26 -3.44
CA PHE D 62 -9.15 -29.50 -3.11
C PHE D 62 -10.47 -29.51 -3.86
N ASP D 63 -10.85 -30.66 -4.40
CA ASP D 63 -12.11 -30.81 -5.14
C ASP D 63 -12.73 -32.19 -4.90
N SER D 64 -13.94 -32.18 -4.37
CA SER D 64 -14.63 -33.42 -4.01
C SER D 64 -15.02 -34.27 -5.23
N ASP D 65 -15.20 -33.63 -6.38
CA ASP D 65 -15.57 -34.32 -7.61
C ASP D 65 -14.37 -34.92 -8.37
N ALA D 66 -13.20 -34.94 -7.75
CA ALA D 66 -12.03 -35.60 -8.32
C ALA D 66 -12.10 -37.10 -8.05
N GLU D 67 -11.29 -37.87 -8.79
CA GLU D 67 -11.27 -39.33 -8.69
C GLU D 67 -11.02 -39.82 -7.25
N ASN D 68 -10.01 -39.24 -6.61
CA ASN D 68 -9.75 -39.48 -5.17
C ASN D 68 -9.50 -38.16 -4.46
N PRO D 69 -10.53 -37.61 -3.79
CA PRO D 69 -10.45 -36.26 -3.21
C PRO D 69 -9.31 -36.07 -2.21
N ARG D 70 -8.35 -35.23 -2.55
CA ARG D 70 -7.28 -34.85 -1.63
C ARG D 70 -6.72 -33.47 -1.98
N TYR D 71 -6.03 -32.86 -1.02
CA TYR D 71 -5.34 -31.59 -1.26
C TYR D 71 -4.12 -31.82 -2.15
N GLU D 72 -4.04 -31.05 -3.23
CA GLU D 72 -2.96 -31.19 -4.21
C GLU D 72 -2.28 -29.84 -4.46
N PRO D 73 -0.96 -29.88 -4.76
CA PRO D 73 -0.24 -28.65 -5.05
C PRO D 73 -0.59 -28.09 -6.43
N ARG D 74 -0.69 -26.78 -6.53
CA ARG D 74 -0.98 -26.10 -7.79
C ARG D 74 0.18 -25.21 -8.24
N ALA D 75 1.27 -25.24 -7.47
CA ALA D 75 2.54 -24.62 -7.86
C ALA D 75 3.66 -25.58 -7.51
N ARG D 76 4.71 -25.60 -8.32
CA ARG D 76 5.80 -26.57 -8.16
C ARG D 76 6.69 -26.31 -6.93
N TRP D 77 6.60 -25.10 -6.37
CA TRP D 77 7.33 -24.77 -5.13
C TRP D 77 6.66 -25.34 -3.87
N MET D 78 5.46 -25.90 -4.02
CA MET D 78 4.75 -26.54 -2.91
C MET D 78 5.10 -28.01 -2.74
N GLU D 79 5.85 -28.56 -3.69
CA GLU D 79 6.29 -29.95 -3.63
C GLU D 79 7.36 -30.19 -2.55
N GLN D 80 7.89 -29.11 -1.97
CA GLN D 80 8.78 -29.19 -0.81
C GLN D 80 8.10 -29.85 0.40
N GLU D 81 6.86 -29.44 0.69
CA GLU D 81 6.16 -29.88 1.90
C GLU D 81 6.02 -31.40 1.98
N GLY D 82 6.16 -31.93 3.20
CA GLY D 82 6.16 -33.38 3.41
C GLY D 82 4.77 -34.01 3.39
N PRO D 83 4.70 -35.34 3.56
CA PRO D 83 3.44 -36.08 3.53
C PRO D 83 2.48 -35.74 4.66
N GLU D 84 3.02 -35.47 5.85
CA GLU D 84 2.20 -35.14 7.01
C GLU D 84 1.39 -33.86 6.77
N TYR D 85 1.94 -32.94 5.99
CA TYR D 85 1.23 -31.72 5.60
C TYR D 85 0.01 -32.05 4.75
N TRP D 86 0.21 -32.87 3.72
CA TRP D 86 -0.84 -33.18 2.76
C TRP D 86 -1.97 -34.01 3.37
N GLU D 87 -1.60 -34.97 4.22
CA GLU D 87 -2.58 -35.77 4.94
C GLU D 87 -3.42 -34.87 5.86
N ARG D 88 -2.75 -34.01 6.61
CA ARG D 88 -3.42 -33.09 7.55
C ARG D 88 -4.42 -32.18 6.83
N GLU D 89 -3.98 -31.59 5.73
CA GLU D 89 -4.84 -30.70 4.95
C GLU D 89 -5.96 -31.45 4.25
N THR D 90 -5.67 -32.66 3.78
CA THR D 90 -6.68 -33.51 3.12
C THR D 90 -7.80 -33.91 4.09
N GLN D 91 -7.44 -34.45 5.26
CA GLN D 91 -8.43 -34.88 6.24
C GLN D 91 -9.24 -33.70 6.75
N LYS D 92 -8.61 -32.53 6.82
CA LYS D 92 -9.28 -31.30 7.24
C LYS D 92 -10.37 -30.90 6.24
N ALA D 93 -10.06 -31.01 4.95
CA ALA D 93 -10.99 -30.62 3.89
C ALA D 93 -12.26 -31.49 3.87
N LYS D 94 -12.09 -32.79 4.14
CA LYS D 94 -13.21 -33.72 4.19
C LYS D 94 -14.14 -33.40 5.37
N GLY D 95 -13.54 -32.99 6.49
CA GLY D 95 -14.31 -32.54 7.64
C GLY D 95 -15.06 -31.25 7.34
N ASN D 96 -14.41 -30.35 6.61
CA ASN D 96 -15.03 -29.09 6.21
C ASN D 96 -16.20 -29.31 5.27
N GLU D 97 -16.04 -30.26 4.34
CA GLU D 97 -17.11 -30.64 3.42
C GLU D 97 -18.39 -31.02 4.15
N GLN D 98 -18.24 -31.87 5.18
CA GLN D 98 -19.39 -32.33 5.96
C GLN D 98 -20.08 -31.18 6.71
N SER D 99 -19.28 -30.24 7.20
CA SER D 99 -19.81 -29.06 7.88
C SER D 99 -20.65 -28.21 6.93
N PHE D 100 -20.12 -27.95 5.74
CA PHE D 100 -20.84 -27.18 4.73
C PHE D 100 -22.02 -27.96 4.14
N ARG D 101 -21.95 -29.28 4.21
CA ARG D 101 -23.08 -30.13 3.85
C ARG D 101 -24.26 -29.88 4.79
N VAL D 102 -23.95 -29.74 6.08
CA VAL D 102 -24.96 -29.43 7.09
C VAL D 102 -25.43 -27.98 6.98
N ASP D 103 -24.50 -27.08 6.68
CA ASP D 103 -24.82 -25.65 6.56
C ASP D 103 -25.79 -25.37 5.40
N LEU D 104 -25.65 -26.11 4.31
CA LEU D 104 -26.57 -26.00 3.18
C LEU D 104 -28.00 -26.36 3.58
N ARG D 105 -28.15 -27.44 4.34
CA ARG D 105 -29.48 -27.86 4.83
C ARG D 105 -30.02 -26.91 5.90
N THR D 106 -29.13 -26.27 6.65
CA THR D 106 -29.52 -25.29 7.66
C THR D 106 -30.11 -24.02 7.03
N LEU D 107 -29.47 -23.56 5.95
CA LEU D 107 -29.92 -22.34 5.25
C LEU D 107 -31.24 -22.55 4.51
N LEU D 108 -31.47 -23.76 4.02
CA LEU D 108 -32.79 -24.11 3.48
C LEU D 108 -33.87 -23.81 4.51
N GLY D 109 -33.59 -24.18 5.77
CA GLY D 109 -34.49 -23.91 6.88
C GLY D 109 -34.67 -22.43 7.15
N TYR D 110 -33.57 -21.68 7.17
CA TYR D 110 -33.61 -20.24 7.45
C TYR D 110 -34.43 -19.47 6.42
N TYR D 111 -34.33 -19.86 5.16
CA TYR D 111 -35.09 -19.22 4.08
C TYR D 111 -36.35 -20.00 3.70
N ASN D 112 -36.62 -21.11 4.38
CA ASN D 112 -37.75 -21.98 4.08
C ASN D 112 -37.79 -22.37 2.60
N GLN D 113 -36.66 -22.88 2.11
CA GLN D 113 -36.49 -23.22 0.69
C GLN D 113 -36.64 -24.72 0.44
N SER D 114 -36.98 -25.06 -0.80
CA SER D 114 -37.16 -26.45 -1.21
C SER D 114 -35.84 -27.21 -1.23
N LYS D 115 -35.90 -28.49 -0.89
CA LYS D 115 -34.72 -29.37 -0.90
C LYS D 115 -34.30 -29.75 -2.32
N GLY D 116 -35.23 -29.62 -3.28
CA GLY D 116 -34.96 -29.99 -4.67
C GLY D 116 -34.46 -28.86 -5.56
N GLY D 117 -33.88 -27.83 -4.94
CA GLY D 117 -33.26 -26.72 -5.67
C GLY D 117 -31.80 -26.58 -5.29
N SER D 118 -30.97 -26.20 -6.26
CA SER D 118 -29.53 -26.05 -6.02
C SER D 118 -29.23 -24.70 -5.38
N HIS D 119 -28.35 -24.70 -4.38
CA HIS D 119 -27.90 -23.46 -3.74
C HIS D 119 -26.39 -23.49 -3.50
N THR D 120 -25.79 -22.31 -3.45
CA THR D 120 -24.35 -22.17 -3.38
C THR D 120 -23.93 -21.36 -2.15
N ILE D 121 -23.13 -21.97 -1.29
CA ILE D 121 -22.47 -21.28 -0.18
C ILE D 121 -21.02 -21.03 -0.58
N GLN D 122 -20.59 -19.77 -0.49
CA GLN D 122 -19.21 -19.39 -0.77
C GLN D 122 -18.59 -18.72 0.45
N VAL D 123 -17.28 -18.88 0.61
CA VAL D 123 -16.54 -18.22 1.69
C VAL D 123 -15.15 -17.82 1.23
N ILE D 124 -14.74 -16.60 1.57
CA ILE D 124 -13.35 -16.18 1.46
C ILE D 124 -12.85 -15.91 2.87
N SER D 125 -11.72 -16.53 3.23
CA SER D 125 -11.15 -16.41 4.56
C SER D 125 -9.64 -16.32 4.45
N GLY D 126 -9.06 -15.22 4.91
CA GLY D 126 -7.62 -15.01 4.80
C GLY D 126 -7.05 -13.89 5.66
N CYS D 127 -5.76 -13.64 5.45
CA CYS D 127 -5.03 -12.62 6.19
C CYS D 127 -4.02 -11.94 5.26
N GLU D 128 -3.73 -10.66 5.54
CA GLU D 128 -2.76 -9.90 4.76
C GLU D 128 -1.69 -9.31 5.66
N VAL D 129 -0.46 -9.28 5.18
CA VAL D 129 0.66 -8.70 5.92
C VAL D 129 1.47 -7.76 5.05
N GLY D 130 2.08 -6.75 5.68
CA GLY D 130 2.94 -5.79 4.99
C GLY D 130 4.35 -6.32 4.81
N SER D 131 5.24 -5.45 4.37
CA SER D 131 6.66 -5.80 4.18
C SER D 131 7.34 -6.15 5.51
N ASP D 132 6.85 -5.59 6.59
CA ASP D 132 7.37 -5.87 7.93
C ASP D 132 6.91 -7.23 8.49
N GLY D 133 5.74 -7.68 8.06
CA GLY D 133 5.18 -8.96 8.53
C GLY D 133 3.98 -8.80 9.43
N ARG D 134 3.70 -7.56 9.84
CA ARG D 134 2.55 -7.26 10.69
C ARG D 134 1.24 -7.48 9.96
N LEU D 135 0.22 -7.87 10.72
CA LEU D 135 -1.11 -8.13 10.18
C LEU D 135 -1.82 -6.83 9.82
N LEU D 136 -2.01 -6.60 8.52
CA LEU D 136 -2.72 -5.41 8.05
C LEU D 136 -4.22 -5.65 8.15
N ARG D 137 -4.70 -6.71 7.50
CA ARG D 137 -6.11 -7.05 7.54
C ARG D 137 -6.31 -8.56 7.61
N GLY D 138 -7.14 -8.99 8.56
CA GLY D 138 -7.65 -10.34 8.63
C GLY D 138 -9.14 -10.27 8.34
N TYR D 139 -9.65 -11.25 7.61
CA TYR D 139 -11.05 -11.23 7.18
C TYR D 139 -11.60 -12.62 6.91
N GLN D 140 -12.90 -12.75 7.10
CA GLN D 140 -13.65 -13.94 6.71
C GLN D 140 -15.09 -13.54 6.45
N GLN D 141 -15.60 -13.87 5.26
CA GLN D 141 -16.94 -13.46 4.87
C GLN D 141 -17.63 -14.55 4.05
N TYR D 142 -18.92 -14.74 4.34
CA TYR D 142 -19.73 -15.78 3.71
C TYR D 142 -20.70 -15.17 2.71
N ALA D 143 -21.17 -15.98 1.77
CA ALA D 143 -22.19 -15.57 0.82
C ALA D 143 -23.04 -16.75 0.38
N TYR D 144 -24.35 -16.53 0.32
CA TYR D 144 -25.32 -17.56 -0.04
C TYR D 144 -26.04 -17.17 -1.33
N ASP D 145 -25.96 -18.04 -2.34
CA ASP D 145 -26.50 -17.78 -3.68
C ASP D 145 -25.98 -16.47 -4.29
N GLY D 146 -24.71 -16.17 -4.03
CA GLY D 146 -24.08 -14.97 -4.58
C GLY D 146 -24.40 -13.66 -3.88
N CYS D 147 -25.01 -13.74 -2.69
CA CYS D 147 -25.30 -12.55 -1.90
C CYS D 147 -24.59 -12.64 -0.55
N ASP D 148 -23.99 -11.53 -0.13
CA ASP D 148 -23.34 -11.47 1.18
C ASP D 148 -24.30 -12.02 2.23
N TYR D 149 -23.75 -12.84 3.13
CA TYR D 149 -24.53 -13.42 4.22
C TYR D 149 -24.04 -12.86 5.55
N ILE D 150 -22.80 -13.16 5.90
CA ILE D 150 -22.20 -12.64 7.13
C ILE D 150 -20.69 -12.43 6.92
N ALA D 151 -20.15 -11.43 7.60
CA ALA D 151 -18.73 -11.09 7.48
C ALA D 151 -18.14 -10.67 8.82
N LEU D 152 -16.90 -11.09 9.05
CA LEU D 152 -16.18 -10.70 10.26
C LEU D 152 -15.64 -9.29 10.06
N ASN D 153 -15.86 -8.43 11.06
CA ASN D 153 -15.42 -7.03 10.98
C ASN D 153 -13.90 -6.93 11.10
N GLU D 154 -13.36 -5.76 10.75
CA GLU D 154 -11.91 -5.53 10.79
C GLU D 154 -11.34 -5.50 12.20
N ASP D 155 -12.21 -5.33 13.20
CA ASP D 155 -11.82 -5.48 14.61
C ASP D 155 -11.52 -6.93 15.01
N LEU D 156 -12.01 -7.89 14.23
CA LEU D 156 -11.88 -9.32 14.52
C LEU D 156 -12.59 -9.70 15.84
N LYS D 157 -13.68 -9.00 16.13
CA LYS D 157 -14.43 -9.19 17.37
C LYS D 157 -15.93 -9.37 17.13
N THR D 158 -16.50 -8.49 16.31
CA THR D 158 -17.94 -8.55 15.98
C THR D 158 -18.18 -8.87 14.51
N TRP D 159 -19.43 -9.20 14.19
CA TRP D 159 -19.83 -9.59 12.84
C TRP D 159 -20.76 -8.56 12.21
N THR D 160 -21.08 -8.77 10.93
CA THR D 160 -22.04 -7.95 10.21
C THR D 160 -22.97 -8.84 9.39
N ALA D 161 -24.21 -8.97 9.86
CA ALA D 161 -25.21 -9.80 9.17
C ALA D 161 -25.80 -9.04 8.00
N ALA D 162 -25.93 -9.71 6.85
CA ALA D 162 -26.43 -9.08 5.63
C ALA D 162 -27.95 -9.13 5.51
N ASP D 163 -28.58 -10.07 6.21
CA ASP D 163 -30.05 -10.16 6.23
C ASP D 163 -30.55 -10.88 7.49
N MET D 164 -31.87 -10.98 7.63
CA MET D 164 -32.51 -11.55 8.82
C MET D 164 -32.10 -13.00 9.10
N ALA D 165 -31.77 -13.76 8.05
CA ALA D 165 -31.28 -15.13 8.21
C ALA D 165 -29.89 -15.14 8.87
N ALA D 166 -29.04 -14.22 8.43
CA ALA D 166 -27.67 -14.11 8.95
C ALA D 166 -27.60 -13.60 10.39
N LEU D 167 -28.68 -12.96 10.86
CA LEU D 167 -28.77 -12.56 12.27
C LEU D 167 -28.90 -13.76 13.21
N ILE D 168 -29.41 -14.87 12.70
CA ILE D 168 -29.49 -16.11 13.47
C ILE D 168 -28.08 -16.65 13.69
N THR D 169 -27.27 -16.65 12.63
CA THR D 169 -25.87 -17.06 12.70
C THR D 169 -25.05 -16.08 13.53
N LYS D 170 -25.37 -14.79 13.43
CA LYS D 170 -24.70 -13.74 14.19
C LYS D 170 -24.90 -13.94 15.70
N HIS D 171 -26.10 -14.32 16.09
CA HIS D 171 -26.40 -14.56 17.50
C HIS D 171 -25.67 -15.79 18.04
N LYS D 172 -25.59 -16.84 17.22
CA LYS D 172 -24.88 -18.06 17.61
C LYS D 172 -23.41 -17.78 17.90
N TRP D 173 -22.70 -17.26 16.89
CA TRP D 173 -21.25 -17.11 16.97
C TRP D 173 -20.79 -16.09 18.01
N GLU D 174 -21.64 -15.12 18.32
CA GLU D 174 -21.33 -14.13 19.34
C GLU D 174 -21.46 -14.71 20.74
N GLN D 175 -22.58 -15.38 21.01
CA GLN D 175 -22.77 -16.07 22.29
C GLN D 175 -21.87 -17.30 22.42
N ALA D 176 -21.50 -17.90 21.28
CA ALA D 176 -20.53 -19.00 21.27
C ALA D 176 -19.10 -18.51 21.45
N GLY D 177 -18.86 -17.22 21.19
CA GLY D 177 -17.52 -16.65 21.28
C GLY D 177 -16.62 -17.14 20.17
N GLU D 178 -17.20 -17.28 18.97
CA GLU D 178 -16.51 -17.90 17.84
C GLU D 178 -15.50 -16.94 17.19
N ALA D 179 -15.83 -15.65 17.17
CA ALA D 179 -14.95 -14.62 16.61
C ALA D 179 -13.56 -14.65 17.24
N GLU D 180 -13.52 -14.93 18.54
CA GLU D 180 -12.25 -15.00 19.28
C GLU D 180 -11.40 -16.19 18.82
N ARG D 181 -12.05 -17.33 18.57
CA ARG D 181 -11.35 -18.51 18.06
C ARG D 181 -10.83 -18.30 16.64
N LEU D 182 -11.59 -17.55 15.83
CA LEU D 182 -11.15 -17.17 14.48
C LEU D 182 -9.98 -16.20 14.53
N ARG D 183 -10.02 -15.28 15.50
CA ARG D 183 -8.95 -14.30 15.71
C ARG D 183 -7.59 -14.99 15.92
N ALA D 184 -7.58 -16.09 16.66
CA ALA D 184 -6.37 -16.86 16.90
C ALA D 184 -5.76 -17.40 15.60
N TYR D 185 -6.63 -17.96 14.74
CA TYR D 185 -6.19 -18.48 13.45
C TYR D 185 -5.65 -17.37 12.56
N LEU D 186 -6.44 -16.31 12.40
CA LEU D 186 -6.13 -15.22 11.48
C LEU D 186 -4.86 -14.45 11.87
N GLU D 187 -4.73 -14.13 13.16
CA GLU D 187 -3.56 -13.39 13.64
C GLU D 187 -2.31 -14.26 13.70
N GLY D 188 -2.44 -15.47 14.22
CA GLY D 188 -1.29 -16.36 14.42
C GLY D 188 -1.03 -17.29 13.26
N THR D 189 -1.88 -18.31 13.14
CA THR D 189 -1.67 -19.40 12.19
C THR D 189 -1.54 -18.91 10.74
N CYS D 190 -2.54 -18.17 10.28
CA CYS D 190 -2.59 -17.69 8.91
C CYS D 190 -1.34 -16.89 8.54
N VAL D 191 -0.94 -15.99 9.44
CA VAL D 191 0.22 -15.15 9.21
C VAL D 191 1.50 -15.98 9.20
N GLU D 192 1.66 -16.85 10.19
CA GLU D 192 2.84 -17.70 10.30
C GLU D 192 3.02 -18.63 9.10
N TRP D 193 1.93 -19.22 8.64
CA TRP D 193 1.99 -20.09 7.45
C TRP D 193 2.22 -19.29 6.17
N LEU D 194 1.53 -18.16 6.04
CA LEU D 194 1.77 -17.25 4.91
C LEU D 194 3.25 -16.89 4.84
N ARG D 195 3.80 -16.55 5.99
CA ARG D 195 5.22 -16.24 6.11
C ARG D 195 6.09 -17.41 5.63
N ARG D 196 5.67 -18.63 5.95
CA ARG D 196 6.39 -19.84 5.53
C ARG D 196 6.34 -20.06 4.02
N TYR D 197 5.16 -19.90 3.42
CA TYR D 197 4.98 -20.10 1.98
C TYR D 197 5.81 -19.13 1.14
N LEU D 198 5.86 -17.87 1.57
CA LEU D 198 6.60 -16.84 0.86
C LEU D 198 8.10 -17.20 0.76
N LYS D 199 8.65 -17.80 1.81
CA LYS D 199 10.04 -18.23 1.82
C LYS D 199 10.29 -19.42 0.88
N ASN D 200 9.35 -20.36 0.86
CA ASN D 200 9.44 -21.53 -0.01
C ASN D 200 9.26 -21.21 -1.50
N GLY D 201 8.47 -20.18 -1.79
CA GLY D 201 8.21 -19.76 -3.17
C GLY D 201 8.61 -18.32 -3.45
N ASN D 202 9.72 -17.87 -2.86
CA ASN D 202 10.17 -16.48 -3.02
C ASN D 202 10.50 -16.13 -4.47
N ALA D 203 11.27 -16.99 -5.13
CA ALA D 203 11.70 -16.74 -6.51
C ALA D 203 10.54 -16.82 -7.49
N THR D 204 9.63 -17.76 -7.25
CA THR D 204 8.46 -17.96 -8.10
C THR D 204 7.45 -16.81 -7.95
N LEU D 205 7.25 -16.33 -6.72
CA LEU D 205 6.30 -15.25 -6.44
C LEU D 205 6.89 -13.87 -6.70
N LEU D 206 8.20 -13.79 -6.91
CA LEU D 206 8.87 -12.54 -7.31
C LEU D 206 8.55 -12.18 -8.76
N ARG D 207 8.48 -13.20 -9.62
CA ARG D 207 8.57 -12.98 -11.07
C ARG D 207 7.64 -11.86 -11.52
N THR D 208 8.19 -10.94 -12.29
CA THR D 208 7.43 -9.89 -12.94
C THR D 208 7.80 -10.05 -14.40
N ASP D 209 6.79 -10.19 -15.26
CA ASP D 209 7.00 -10.21 -16.70
C ASP D 209 6.47 -8.90 -17.27
N SER D 210 7.36 -8.13 -17.89
CA SER D 210 6.98 -6.87 -18.52
C SER D 210 6.12 -7.15 -19.75
N PRO D 211 5.13 -6.27 -20.02
CA PRO D 211 4.30 -6.50 -21.20
C PRO D 211 5.03 -6.16 -22.50
N LYS D 212 4.78 -6.95 -23.54
CA LYS D 212 5.11 -6.57 -24.90
C LYS D 212 3.90 -5.82 -25.41
N ALA D 213 4.10 -4.58 -25.83
CA ALA D 213 3.00 -3.71 -26.23
C ALA D 213 3.15 -3.21 -27.65
N HIS D 214 2.03 -3.06 -28.34
CA HIS D 214 2.02 -2.48 -29.68
C HIS D 214 0.65 -1.87 -29.98
N VAL D 215 0.59 -1.10 -31.07
CA VAL D 215 -0.64 -0.45 -31.49
C VAL D 215 -1.01 -0.90 -32.89
N THR D 216 -2.19 -1.48 -33.04
CA THR D 216 -2.70 -1.88 -34.35
C THR D 216 -3.70 -0.87 -34.87
N HIS D 217 -3.83 -0.81 -36.19
CA HIS D 217 -4.71 0.14 -36.87
C HIS D 217 -5.80 -0.64 -37.60
N HIS D 218 -7.06 -0.32 -37.31
CA HIS D 218 -8.20 -1.01 -37.91
C HIS D 218 -9.13 -0.01 -38.58
N SER D 219 -8.93 0.19 -39.88
CA SER D 219 -9.68 1.18 -40.65
C SER D 219 -11.07 0.68 -41.01
N ARG D 220 -11.79 1.50 -41.77
CA ARG D 220 -13.17 1.21 -42.15
C ARG D 220 -13.55 2.16 -43.29
N PRO D 221 -14.42 1.72 -44.21
CA PRO D 221 -14.95 2.67 -45.19
C PRO D 221 -15.76 3.80 -44.49
N GLU D 222 -15.04 4.74 -43.88
CA GLU D 222 -15.63 5.81 -43.09
C GLU D 222 -14.54 6.83 -42.72
N ASP D 223 -14.96 8.02 -42.30
CA ASP D 223 -14.03 9.09 -41.91
C ASP D 223 -13.28 8.85 -40.59
N LYS D 224 -13.50 7.71 -39.96
CA LYS D 224 -12.83 7.35 -38.70
C LYS D 224 -12.00 6.08 -38.83
N VAL D 225 -11.09 5.89 -37.88
CA VAL D 225 -10.30 4.67 -37.76
C VAL D 225 -10.21 4.26 -36.29
N THR D 226 -9.96 2.98 -36.05
CA THR D 226 -9.83 2.45 -34.70
C THR D 226 -8.37 2.15 -34.38
N LEU D 227 -7.86 2.79 -33.33
CA LEU D 227 -6.52 2.52 -32.81
C LEU D 227 -6.65 1.63 -31.59
N ARG D 228 -5.91 0.53 -31.57
CA ARG D 228 -6.01 -0.47 -30.53
C ARG D 228 -4.64 -0.74 -29.92
N CYS D 229 -4.52 -0.49 -28.62
CA CYS D 229 -3.27 -0.65 -27.89
C CYS D 229 -3.25 -1.99 -27.17
N TRP D 230 -2.21 -2.78 -27.41
CA TRP D 230 -2.10 -4.12 -26.85
C TRP D 230 -1.06 -4.21 -25.75
N ALA D 231 -1.24 -5.18 -24.87
CA ALA D 231 -0.26 -5.52 -23.85
C ALA D 231 -0.30 -7.02 -23.67
N LEU D 232 0.80 -7.69 -24.01
CA LEU D 232 0.84 -9.15 -24.05
C LEU D 232 1.98 -9.70 -23.20
N GLY D 233 1.79 -10.93 -22.71
CA GLY D 233 2.84 -11.68 -22.04
C GLY D 233 3.32 -11.07 -20.73
N PHE D 234 2.39 -10.52 -19.94
CA PHE D 234 2.75 -9.85 -18.69
C PHE D 234 2.21 -10.58 -17.46
N TYR D 235 2.93 -10.42 -16.35
CA TYR D 235 2.56 -11.01 -15.06
C TYR D 235 3.13 -10.14 -13.93
N PRO D 236 2.35 -9.88 -12.87
CA PRO D 236 0.97 -10.32 -12.61
C PRO D 236 -0.06 -9.60 -13.49
N ALA D 237 -1.33 -9.97 -13.34
CA ALA D 237 -2.40 -9.45 -14.18
C ALA D 237 -2.72 -7.98 -13.94
N ASP D 238 -2.24 -7.42 -12.83
CA ASP D 238 -2.43 -5.99 -12.55
C ASP D 238 -1.78 -5.15 -13.64
N ILE D 239 -2.58 -4.31 -14.29
CA ILE D 239 -2.09 -3.44 -15.37
C ILE D 239 -3.10 -2.32 -15.65
N THR D 240 -2.61 -1.24 -16.25
CA THR D 240 -3.48 -0.14 -16.67
C THR D 240 -3.04 0.37 -18.04
N LEU D 241 -3.99 0.38 -18.99
CA LEU D 241 -3.78 0.96 -20.31
C LEU D 241 -4.63 2.22 -20.42
N THR D 242 -4.05 3.27 -20.98
CA THR D 242 -4.78 4.50 -21.24
C THR D 242 -4.42 5.10 -22.59
N TRP D 243 -5.41 5.71 -23.24
CA TRP D 243 -5.19 6.53 -24.42
C TRP D 243 -5.29 7.99 -24.01
N GLN D 244 -4.38 8.80 -24.53
CA GLN D 244 -4.32 10.23 -24.23
C GLN D 244 -4.38 11.07 -25.48
N LEU D 245 -5.01 12.24 -25.37
CA LEU D 245 -5.02 13.23 -26.45
C LEU D 245 -4.29 14.48 -25.98
N ASN D 246 -3.01 14.58 -26.33
CA ASN D 246 -2.20 15.77 -26.05
C ASN D 246 -2.18 16.17 -24.56
N GLY D 247 -2.15 15.17 -23.68
CA GLY D 247 -2.11 15.41 -22.24
C GLY D 247 -3.21 14.69 -21.49
N GLU D 248 -4.46 15.00 -21.80
CA GLU D 248 -5.61 14.45 -21.06
C GLU D 248 -5.94 13.02 -21.46
N GLU D 249 -6.38 12.23 -20.48
CA GLU D 249 -6.76 10.84 -20.70
C GLU D 249 -8.22 10.75 -21.13
N LEU D 250 -8.50 9.90 -22.12
CA LEU D 250 -9.83 9.81 -22.71
C LEU D 250 -10.61 8.62 -22.17
N ILE D 251 -10.80 8.60 -20.84
CA ILE D 251 -11.44 7.48 -20.16
C ILE D 251 -12.85 7.20 -20.70
N GLN D 252 -13.63 8.25 -20.96
CA GLN D 252 -15.02 8.10 -21.37
C GLN D 252 -15.13 7.47 -22.76
N ASP D 253 -14.43 8.05 -23.74
CA ASP D 253 -14.52 7.56 -25.12
C ASP D 253 -13.68 6.31 -25.37
N MET D 254 -12.85 5.93 -24.40
CA MET D 254 -12.02 4.73 -24.51
C MET D 254 -12.89 3.48 -24.40
N GLU D 255 -12.39 2.38 -24.96
CA GLU D 255 -13.00 1.08 -24.79
C GLU D 255 -11.92 0.05 -24.49
N LEU D 256 -12.11 -0.74 -23.44
CA LEU D 256 -11.14 -1.75 -23.06
C LEU D 256 -11.79 -3.03 -22.54
N VAL D 257 -11.05 -4.14 -22.67
CA VAL D 257 -11.49 -5.44 -22.19
C VAL D 257 -10.86 -5.74 -20.85
N GLU D 258 -11.50 -6.60 -20.06
CA GLU D 258 -10.96 -7.05 -18.79
C GLU D 258 -9.74 -7.92 -19.02
N THR D 259 -8.75 -7.82 -18.13
CA THR D 259 -7.52 -8.60 -18.23
C THR D 259 -7.86 -10.08 -18.31
N ARG D 260 -7.13 -10.81 -19.15
CA ARG D 260 -7.50 -12.17 -19.50
C ARG D 260 -6.28 -13.08 -19.63
N PRO D 261 -6.44 -14.36 -19.26
CA PRO D 261 -5.32 -15.29 -19.31
C PRO D 261 -4.99 -15.74 -20.73
N ALA D 262 -3.71 -15.72 -21.07
CA ALA D 262 -3.26 -16.27 -22.35
C ALA D 262 -3.29 -17.80 -22.32
N GLY D 263 -3.23 -18.38 -21.12
CA GLY D 263 -3.25 -19.82 -20.93
C GLY D 263 -1.87 -20.42 -20.72
N ASP D 264 -0.90 -19.57 -20.41
CA ASP D 264 0.49 -20.01 -20.21
C ASP D 264 1.17 -19.28 -19.05
N GLY D 265 0.39 -18.80 -18.09
CA GLY D 265 0.92 -18.08 -16.93
C GLY D 265 0.91 -16.57 -17.06
N THR D 266 0.88 -16.06 -18.30
CA THR D 266 0.84 -14.62 -18.57
C THR D 266 -0.59 -14.15 -18.86
N PHE D 267 -0.75 -12.83 -18.98
CA PHE D 267 -2.06 -12.24 -19.25
C PHE D 267 -2.03 -11.30 -20.46
N GLN D 268 -3.22 -10.95 -20.93
CA GLN D 268 -3.39 -10.05 -22.06
C GLN D 268 -4.37 -8.94 -21.70
N LYS D 269 -4.26 -7.81 -22.39
CA LYS D 269 -5.23 -6.73 -22.27
C LYS D 269 -5.08 -5.77 -23.44
N TRP D 270 -6.19 -5.18 -23.87
CA TRP D 270 -6.14 -4.08 -24.83
C TRP D 270 -7.15 -2.99 -24.53
N ALA D 271 -6.78 -1.77 -24.88
CA ALA D 271 -7.70 -0.64 -24.87
C ALA D 271 -7.71 -0.03 -26.26
N SER D 272 -8.82 0.60 -26.62
CA SER D 272 -8.98 1.16 -27.96
C SER D 272 -9.71 2.50 -27.97
N VAL D 273 -9.50 3.24 -29.05
CA VAL D 273 -10.18 4.51 -29.28
C VAL D 273 -10.48 4.70 -30.77
N VAL D 274 -11.61 5.34 -31.06
CA VAL D 274 -11.97 5.70 -32.42
C VAL D 274 -11.57 7.15 -32.65
N VAL D 275 -10.76 7.38 -33.69
CA VAL D 275 -10.21 8.71 -33.97
C VAL D 275 -10.51 9.13 -35.41
N PRO D 276 -10.44 10.45 -35.70
CA PRO D 276 -10.61 10.90 -37.07
C PRO D 276 -9.52 10.37 -38.00
N LEU D 277 -9.88 10.13 -39.27
CA LEU D 277 -8.92 9.66 -40.26
C LEU D 277 -7.83 10.70 -40.47
N GLY D 278 -6.58 10.27 -40.39
CA GLY D 278 -5.43 11.16 -40.58
C GLY D 278 -4.96 11.88 -39.32
N LYS D 279 -5.57 11.56 -38.17
CA LYS D 279 -5.22 12.16 -36.89
C LYS D 279 -4.71 11.12 -35.90
N GLU D 280 -4.09 10.06 -36.41
CA GLU D 280 -3.62 8.96 -35.56
C GLU D 280 -2.40 9.34 -34.72
N GLN D 281 -1.56 10.23 -35.24
CA GLN D 281 -0.33 10.65 -34.55
C GLN D 281 -0.61 11.65 -33.44
N TYR D 282 -1.85 12.12 -33.33
CA TYR D 282 -2.25 13.02 -32.25
C TYR D 282 -2.51 12.27 -30.94
N TYR D 283 -2.71 10.95 -31.05
CA TYR D 283 -3.07 10.13 -29.89
C TYR D 283 -1.90 9.30 -29.39
N THR D 284 -1.90 9.05 -28.08
CA THR D 284 -0.79 8.39 -27.40
C THR D 284 -1.31 7.32 -26.44
N CYS D 285 -0.80 6.10 -26.57
CA CYS D 285 -1.13 5.03 -25.63
C CYS D 285 -0.07 4.92 -24.54
N HIS D 286 -0.52 4.63 -23.32
CA HIS D 286 0.38 4.47 -22.18
C HIS D 286 0.11 3.15 -21.46
N VAL D 287 1.18 2.43 -21.14
CA VAL D 287 1.10 1.15 -20.45
C VAL D 287 1.79 1.26 -19.09
N TYR D 288 1.03 1.05 -18.02
CA TYR D 288 1.54 1.12 -16.65
C TYR D 288 1.58 -0.29 -16.06
N HIS D 289 2.76 -0.70 -15.60
CA HIS D 289 2.95 -2.05 -15.07
C HIS D 289 4.18 -2.14 -14.16
N GLN D 290 4.10 -2.99 -13.15
CA GLN D 290 5.16 -3.17 -12.14
C GLN D 290 6.52 -3.44 -12.77
N GLY D 291 6.58 -4.48 -13.60
CA GLY D 291 7.82 -4.92 -14.25
C GLY D 291 8.52 -3.90 -15.13
N LEU D 292 7.80 -2.86 -15.55
CA LEU D 292 8.39 -1.78 -16.34
C LEU D 292 9.27 -0.89 -15.47
N PRO D 293 10.45 -0.50 -15.96
CA PRO D 293 11.22 0.55 -15.28
C PRO D 293 10.47 1.88 -15.28
N GLU D 294 9.81 2.16 -16.40
CA GLU D 294 9.00 3.36 -16.56
C GLU D 294 7.85 3.05 -17.51
N PRO D 295 6.71 3.75 -17.36
CA PRO D 295 5.56 3.49 -18.24
C PRO D 295 5.91 3.65 -19.72
N LEU D 296 5.42 2.71 -20.53
CA LEU D 296 5.65 2.76 -21.97
C LEU D 296 4.76 3.81 -22.60
N THR D 297 5.26 4.47 -23.64
CA THR D 297 4.51 5.46 -24.38
C THR D 297 4.45 5.03 -25.84
N LEU D 298 3.27 4.65 -26.31
CA LEU D 298 3.08 4.10 -27.65
C LEU D 298 2.28 5.03 -28.55
N ARG D 299 2.57 4.96 -29.84
CA ARG D 299 1.92 5.78 -30.85
C ARG D 299 1.79 4.93 -32.12
N TRP D 300 0.76 5.18 -32.93
CA TRP D 300 0.60 4.45 -34.18
C TRP D 300 1.72 4.79 -35.16
N GLU D 301 2.40 3.75 -35.65
CA GLU D 301 3.42 3.92 -36.69
C GLU D 301 3.26 2.81 -37.72
N PRO D 302 3.15 3.19 -39.01
CA PRO D 302 3.16 2.18 -40.06
C PRO D 302 4.60 1.78 -40.42
N PRO D 303 4.76 0.75 -41.27
CA PRO D 303 6.07 0.42 -41.82
C PRO D 303 6.68 1.60 -42.58
N PRO D 304 8.02 1.62 -42.70
CA PRO D 304 8.84 2.84 -42.78
C PRO D 304 8.05 4.11 -43.13
N ILE E 2 -30.53 -13.92 -6.85
CA ILE E 2 -29.87 -12.80 -7.59
C ILE E 2 -28.72 -13.33 -8.44
N GLN E 3 -29.02 -13.60 -9.72
CA GLN E 3 -28.06 -14.17 -10.67
C GLN E 3 -27.28 -13.07 -11.39
N LYS E 4 -26.21 -13.48 -12.09
CA LYS E 4 -25.36 -12.56 -12.86
C LYS E 4 -25.03 -13.15 -14.23
N THR E 5 -25.19 -12.33 -15.27
CA THR E 5 -24.99 -12.77 -16.66
C THR E 5 -23.51 -12.86 -17.03
N PRO E 6 -23.10 -13.97 -17.69
CA PRO E 6 -21.68 -14.19 -18.00
C PRO E 6 -21.11 -13.25 -19.06
N GLN E 7 -19.97 -12.65 -18.74
CA GLN E 7 -19.18 -11.89 -19.72
C GLN E 7 -18.24 -12.85 -20.42
N ILE E 8 -18.25 -12.82 -21.75
CA ILE E 8 -17.49 -13.77 -22.55
C ILE E 8 -16.50 -13.06 -23.47
N GLN E 9 -15.28 -13.59 -23.53
CA GLN E 9 -14.25 -13.09 -24.45
C GLN E 9 -13.71 -14.25 -25.26
N VAL E 10 -13.82 -14.17 -26.59
CA VAL E 10 -13.21 -15.16 -27.48
C VAL E 10 -11.97 -14.56 -28.11
N TYR E 11 -10.86 -15.29 -28.03
CA TYR E 11 -9.57 -14.77 -28.49
C TYR E 11 -8.54 -15.90 -28.58
N SER E 12 -7.47 -15.65 -29.31
CA SER E 12 -6.39 -16.64 -29.46
C SER E 12 -5.25 -16.34 -28.48
N ARG E 13 -4.42 -17.36 -28.23
CA ARG E 13 -3.28 -17.19 -27.33
C ARG E 13 -2.21 -16.33 -27.98
N HIS E 14 -1.78 -16.75 -29.16
CA HIS E 14 -0.73 -16.04 -29.91
C HIS E 14 -1.37 -15.21 -31.02
N PRO E 15 -0.61 -14.23 -31.57
CA PRO E 15 -1.16 -13.43 -32.67
C PRO E 15 -1.62 -14.30 -33.84
N PRO E 16 -2.88 -14.16 -34.27
CA PRO E 16 -3.44 -15.04 -35.30
C PRO E 16 -2.73 -14.90 -36.65
N GLU E 17 -2.63 -16.01 -37.37
CA GLU E 17 -1.93 -16.06 -38.65
C GLU E 17 -2.40 -17.30 -39.41
N ASN E 18 -2.93 -17.08 -40.62
CA ASN E 18 -3.60 -18.15 -41.37
C ASN E 18 -2.71 -19.34 -41.67
N GLY E 19 -3.23 -20.54 -41.44
CA GLY E 19 -2.50 -21.78 -41.74
C GLY E 19 -1.35 -22.09 -40.80
N LYS E 20 -1.51 -21.71 -39.53
CA LYS E 20 -0.49 -21.92 -38.51
C LYS E 20 -1.18 -22.27 -37.19
N PRO E 21 -0.80 -23.40 -36.55
CA PRO E 21 -1.54 -23.89 -35.37
C PRO E 21 -1.55 -22.90 -34.21
N ASN E 22 -2.64 -22.88 -33.46
CA ASN E 22 -2.84 -21.90 -32.39
C ASN E 22 -3.88 -22.40 -31.38
N ILE E 23 -4.01 -21.70 -30.25
CA ILE E 23 -5.01 -22.02 -29.23
C ILE E 23 -6.11 -20.96 -29.25
N LEU E 24 -7.36 -21.41 -29.22
CA LEU E 24 -8.51 -20.50 -29.16
C LEU E 24 -9.11 -20.55 -27.77
N ASN E 25 -9.19 -19.40 -27.11
CA ASN E 25 -9.71 -19.30 -25.75
C ASN E 25 -11.16 -18.83 -25.72
N CYS E 26 -11.89 -19.27 -24.70
CA CYS E 26 -13.20 -18.70 -24.37
C CYS E 26 -13.27 -18.42 -22.88
N TYR E 27 -12.96 -17.18 -22.51
CA TYR E 27 -12.87 -16.76 -21.12
C TYR E 27 -14.20 -16.22 -20.62
N VAL E 28 -14.90 -17.03 -19.82
CA VAL E 28 -16.21 -16.67 -19.29
C VAL E 28 -16.09 -16.24 -17.83
N THR E 29 -16.61 -15.06 -17.51
CA THR E 29 -16.50 -14.48 -16.16
C THR E 29 -17.82 -13.85 -15.71
N GLN E 30 -17.83 -13.33 -14.48
CA GLN E 30 -18.95 -12.55 -13.94
C GLN E 30 -20.30 -13.29 -13.97
N PHE E 31 -20.28 -14.60 -13.72
CA PHE E 31 -21.51 -15.40 -13.70
C PHE E 31 -21.78 -16.11 -12.38
N HIS E 32 -23.07 -16.29 -12.09
CA HIS E 32 -23.53 -16.93 -10.86
C HIS E 32 -25.01 -17.27 -11.06
N PRO E 33 -25.43 -18.52 -10.79
CA PRO E 33 -24.73 -19.68 -10.19
C PRO E 33 -23.58 -20.25 -11.03
N PRO E 34 -22.78 -21.14 -10.44
CA PRO E 34 -21.59 -21.66 -11.13
C PRO E 34 -21.86 -22.67 -12.24
N HIS E 35 -23.06 -23.26 -12.29
CA HIS E 35 -23.39 -24.24 -13.33
C HIS E 35 -23.55 -23.55 -14.68
N ILE E 36 -22.82 -24.04 -15.67
CA ILE E 36 -22.73 -23.40 -16.98
C ILE E 36 -22.28 -24.41 -18.04
N GLU E 37 -22.76 -24.24 -19.27
CA GLU E 37 -22.26 -25.01 -20.41
C GLU E 37 -21.57 -24.07 -21.38
N ILE E 38 -20.35 -24.44 -21.76
CA ILE E 38 -19.56 -23.65 -22.71
C ILE E 38 -19.26 -24.50 -23.95
N GLN E 39 -19.85 -24.10 -25.07
CA GLN E 39 -19.61 -24.79 -26.35
C GLN E 39 -18.81 -23.89 -27.28
N MET E 40 -17.85 -24.48 -27.99
CA MET E 40 -17.07 -23.77 -28.98
C MET E 40 -17.48 -24.25 -30.37
N LEU E 41 -17.64 -23.30 -31.29
CA LEU E 41 -18.19 -23.59 -32.61
C LEU E 41 -17.19 -23.30 -33.73
N LYS E 42 -17.42 -23.94 -34.87
CA LYS E 42 -16.64 -23.71 -36.08
C LYS E 42 -17.55 -23.81 -37.29
N ASN E 43 -17.89 -22.65 -37.86
CA ASN E 43 -18.82 -22.56 -38.99
C ASN E 43 -20.19 -23.20 -38.67
N GLY E 44 -20.61 -23.07 -37.41
CA GLY E 44 -21.87 -23.65 -36.94
C GLY E 44 -21.69 -24.96 -36.18
N LYS E 45 -20.79 -25.82 -36.67
CA LYS E 45 -20.55 -27.13 -36.07
C LYS E 45 -19.85 -27.01 -34.72
N LYS E 46 -20.23 -27.86 -33.78
CA LYS E 46 -19.63 -27.86 -32.45
C LYS E 46 -18.26 -28.53 -32.47
N ILE E 47 -17.31 -27.94 -31.74
CA ILE E 47 -15.95 -28.49 -31.65
C ILE E 47 -15.94 -29.56 -30.57
N PRO E 48 -15.54 -30.80 -30.92
CA PRO E 48 -15.63 -31.91 -29.95
C PRO E 48 -14.57 -31.86 -28.85
N LYS E 49 -13.31 -31.61 -29.23
CA LYS E 49 -12.20 -31.59 -28.28
C LYS E 49 -12.02 -30.19 -27.69
N VAL E 50 -12.63 -29.96 -26.52
CA VAL E 50 -12.58 -28.65 -25.85
C VAL E 50 -12.21 -28.83 -24.38
N GLU E 51 -11.08 -28.25 -23.98
CA GLU E 51 -10.60 -28.32 -22.59
C GLU E 51 -11.28 -27.27 -21.72
N MET E 52 -11.27 -27.50 -20.41
CA MET E 52 -11.81 -26.55 -19.43
C MET E 52 -10.82 -26.38 -18.29
N SER E 53 -10.61 -25.14 -17.87
CA SER E 53 -9.79 -24.86 -16.69
C SER E 53 -10.62 -25.16 -15.44
N ASP E 54 -9.96 -25.23 -14.29
CA ASP E 54 -10.64 -25.34 -13.02
C ASP E 54 -11.43 -24.07 -12.78
N MET E 55 -12.62 -24.19 -12.22
CA MET E 55 -13.45 -23.03 -11.93
C MET E 55 -12.95 -22.34 -10.66
N SER E 56 -13.05 -21.01 -10.64
CA SER E 56 -12.72 -20.21 -9.47
C SER E 56 -13.76 -19.11 -9.33
N PHE E 57 -13.74 -18.39 -8.21
CA PHE E 57 -14.57 -17.20 -8.04
C PHE E 57 -13.76 -16.04 -7.47
N SER E 58 -14.21 -14.83 -7.76
CA SER E 58 -13.47 -13.63 -7.40
C SER E 58 -14.10 -12.93 -6.20
N LYS E 59 -13.51 -11.80 -5.81
CA LYS E 59 -13.91 -11.09 -4.59
C LYS E 59 -15.35 -10.56 -4.60
N ASP E 60 -15.99 -10.50 -5.76
CA ASP E 60 -17.40 -10.15 -5.86
C ASP E 60 -18.31 -11.38 -5.92
N TRP E 61 -17.76 -12.55 -5.59
CA TRP E 61 -18.48 -13.84 -5.55
C TRP E 61 -18.71 -14.52 -6.90
N SER E 62 -18.66 -13.77 -7.99
CA SER E 62 -18.94 -14.33 -9.31
C SER E 62 -17.82 -15.26 -9.77
N PHE E 63 -18.19 -16.27 -10.55
CA PHE E 63 -17.25 -17.29 -11.00
C PHE E 63 -16.62 -16.94 -12.35
N TYR E 64 -15.47 -17.56 -12.63
CA TYR E 64 -14.83 -17.42 -13.94
C TYR E 64 -14.10 -18.70 -14.32
N ILE E 65 -14.06 -18.98 -15.63
CA ILE E 65 -13.46 -20.20 -16.14
C ILE E 65 -12.91 -20.00 -17.55
N LEU E 66 -11.83 -20.71 -17.86
CA LEU E 66 -11.22 -20.64 -19.19
C LEU E 66 -11.45 -21.94 -19.95
N ALA E 67 -12.11 -21.83 -21.11
CA ALA E 67 -12.26 -22.94 -22.04
C ALA E 67 -11.35 -22.69 -23.24
N HIS E 68 -10.77 -23.75 -23.79
CA HIS E 68 -9.86 -23.62 -24.93
C HIS E 68 -9.75 -24.89 -25.77
N THR E 69 -9.40 -24.71 -27.03
CA THR E 69 -9.18 -25.81 -27.97
C THR E 69 -8.15 -25.40 -29.01
N GLU E 70 -7.28 -26.33 -29.39
CA GLU E 70 -6.31 -26.06 -30.45
C GLU E 70 -7.01 -25.90 -31.80
N PHE E 71 -6.56 -24.93 -32.59
CA PHE E 71 -7.15 -24.66 -33.89
C PHE E 71 -6.14 -24.03 -34.84
N THR E 72 -6.39 -24.19 -36.14
CA THR E 72 -5.59 -23.55 -37.16
C THR E 72 -6.48 -22.57 -37.93
N PRO E 73 -6.26 -21.26 -37.76
CA PRO E 73 -7.10 -20.27 -38.42
C PRO E 73 -6.83 -20.19 -39.92
N THR E 74 -7.81 -19.71 -40.66
CA THR E 74 -7.71 -19.53 -42.11
C THR E 74 -8.40 -18.23 -42.51
N GLU E 75 -8.48 -17.98 -43.81
CA GLU E 75 -9.14 -16.78 -44.32
C GLU E 75 -10.62 -16.78 -43.93
N THR E 76 -11.31 -17.88 -44.23
CA THR E 76 -12.78 -17.90 -44.26
C THR E 76 -13.46 -18.72 -43.16
N ASP E 77 -12.69 -19.33 -42.26
CA ASP E 77 -13.30 -20.07 -41.14
C ASP E 77 -13.82 -19.08 -40.11
N THR E 78 -15.00 -19.37 -39.58
CA THR E 78 -15.63 -18.55 -38.56
C THR E 78 -15.72 -19.33 -37.26
N TYR E 79 -15.05 -18.86 -36.21
CA TYR E 79 -15.08 -19.50 -34.90
C TYR E 79 -15.90 -18.67 -33.92
N ALA E 80 -16.62 -19.35 -33.04
CA ALA E 80 -17.46 -18.70 -32.04
C ALA E 80 -17.49 -19.53 -30.75
N CYS E 81 -18.14 -18.98 -29.73
CA CYS E 81 -18.27 -19.63 -28.43
C CYS E 81 -19.67 -19.40 -27.87
N ARG E 82 -20.44 -20.48 -27.73
CA ARG E 82 -21.79 -20.41 -27.19
C ARG E 82 -21.78 -20.74 -25.70
N VAL E 83 -22.63 -20.06 -24.93
CA VAL E 83 -22.72 -20.26 -23.49
C VAL E 83 -24.18 -20.31 -23.02
N LYS E 84 -24.52 -21.36 -22.30
CA LYS E 84 -25.84 -21.49 -21.68
C LYS E 84 -25.75 -21.20 -20.19
N HIS E 85 -26.71 -20.43 -19.68
CA HIS E 85 -26.71 -20.04 -18.27
C HIS E 85 -28.12 -19.60 -17.84
N ASP E 86 -28.49 -19.93 -16.61
CA ASP E 86 -29.85 -19.65 -16.09
C ASP E 86 -30.22 -18.17 -16.10
N SER E 87 -29.22 -17.30 -15.97
CA SER E 87 -29.42 -15.86 -16.08
C SER E 87 -30.00 -15.45 -17.43
N MET E 88 -29.61 -16.17 -18.48
CA MET E 88 -30.04 -15.86 -19.85
C MET E 88 -31.28 -16.66 -20.25
N ALA E 89 -32.16 -16.02 -21.01
CA ALA E 89 -33.36 -16.67 -21.53
C ALA E 89 -33.00 -17.66 -22.65
N GLU E 90 -32.03 -17.28 -23.48
CA GLU E 90 -31.52 -18.13 -24.55
C GLU E 90 -29.99 -18.04 -24.55
N PRO E 91 -29.31 -19.01 -25.22
CA PRO E 91 -27.84 -19.03 -25.23
C PRO E 91 -27.19 -17.77 -25.82
N LYS E 92 -25.92 -17.55 -25.46
CA LYS E 92 -25.17 -16.37 -25.90
C LYS E 92 -23.98 -16.79 -26.76
N THR E 93 -24.05 -16.51 -28.05
CA THR E 93 -22.98 -16.84 -29.00
C THR E 93 -22.10 -15.62 -29.25
N VAL E 94 -20.85 -15.69 -28.81
CA VAL E 94 -19.87 -14.66 -29.10
C VAL E 94 -18.95 -15.17 -30.20
N TYR E 95 -18.77 -14.37 -31.25
CA TYR E 95 -17.97 -14.76 -32.40
C TYR E 95 -16.56 -14.19 -32.29
N TRP E 96 -15.59 -14.97 -32.76
CA TRP E 96 -14.18 -14.60 -32.67
C TRP E 96 -13.82 -13.51 -33.67
N ASP E 97 -13.31 -12.40 -33.17
CA ASP E 97 -12.74 -11.33 -33.98
C ASP E 97 -11.22 -11.40 -33.77
N ARG E 98 -10.48 -11.59 -34.86
CA ARG E 98 -9.02 -11.78 -34.77
C ARG E 98 -8.27 -10.48 -34.47
N ASP E 99 -9.00 -9.37 -34.40
CA ASP E 99 -8.44 -8.08 -34.01
C ASP E 99 -8.83 -7.71 -32.58
N MET E 100 -9.48 -8.63 -31.86
CA MET E 100 -9.91 -8.40 -30.49
C MET E 100 -9.52 -9.58 -29.60
N PHE F 1 -2.17 -23.46 5.11
CA PHE F 1 -2.86 -24.14 6.23
C PHE F 1 -4.28 -23.59 6.34
N ALA F 2 -5.22 -24.29 5.70
CA ALA F 2 -6.63 -23.87 5.69
C ALA F 2 -7.23 -24.03 7.08
N PRO F 3 -8.31 -23.28 7.38
CA PRO F 3 -8.92 -23.40 8.70
C PRO F 3 -9.84 -24.61 8.82
N GLY F 4 -9.64 -25.41 9.85
CA GLY F 4 -10.47 -26.58 10.11
C GLY F 4 -11.56 -26.25 11.12
N ASN F 5 -12.39 -27.24 11.43
CA ASN F 5 -13.48 -27.09 12.39
C ASN F 5 -14.27 -25.79 12.18
N TRP F 6 -14.90 -25.69 11.01
CA TRP F 6 -15.68 -24.51 10.63
CA TRP F 6 -15.68 -24.51 10.65
C TRP F 6 -16.92 -24.41 11.53
N PRO F 7 -17.22 -23.19 12.03
CA PRO F 7 -18.43 -23.06 12.86
C PRO F 7 -19.71 -23.15 12.04
N ALA F 8 -20.67 -23.94 12.54
CA ALA F 8 -21.95 -24.11 11.85
C ALA F 8 -22.76 -22.81 11.90
N LEU F 9 -23.46 -22.52 10.81
CA LEU F 9 -24.21 -21.27 10.67
C LEU F 9 -25.47 -21.30 11.54
#